data_2MHQ
#
_entry.id   2MHQ
#
_entity_poly.entity_id   1
_entity_poly.type   'polypeptide(L)'
_entity_poly.pdbx_seq_one_letter_code
;GAMGSCRPPMVKLVCPADNLRAEGLECTKTCQNYDLECMSMGCVSGCLCPPGMVRHENRCVALERCPCFHQGKEYAPGET
VKIGCNTCVCRDRKWNCTDHVCD
;
_entity_poly.pdbx_strand_id   A
#
# COMPACT_ATOMS: atom_id res chain seq x y z
N GLY A 1 -12.94 -9.29 -7.96
CA GLY A 1 -13.30 -9.18 -6.52
C GLY A 1 -12.55 -8.00 -5.90
N ALA A 2 -13.27 -6.91 -5.68
CA ALA A 2 -12.65 -5.71 -5.11
C ALA A 2 -13.57 -5.07 -4.06
N MET A 3 -14.76 -5.65 -3.85
CA MET A 3 -15.75 -5.13 -2.89
C MET A 3 -15.57 -3.63 -2.68
N GLY A 4 -15.82 -2.85 -3.73
CA GLY A 4 -15.66 -1.39 -3.66
C GLY A 4 -16.80 -0.68 -4.39
N SER A 5 -16.80 0.65 -4.30
CA SER A 5 -17.83 1.47 -4.93
C SER A 5 -17.20 2.67 -5.65
N CYS A 6 -17.88 3.17 -6.67
CA CYS A 6 -17.40 4.31 -7.45
C CYS A 6 -18.57 5.17 -7.90
N ARG A 7 -19.42 5.55 -6.96
CA ARG A 7 -20.60 6.36 -7.28
C ARG A 7 -20.21 7.65 -7.99
N PRO A 8 -19.26 8.39 -7.47
CA PRO A 8 -18.82 9.66 -8.07
C PRO A 8 -17.71 9.44 -9.11
N PRO A 9 -17.95 9.69 -10.38
CA PRO A 9 -16.91 9.49 -11.42
C PRO A 9 -15.92 10.64 -11.45
N MET A 10 -14.62 10.32 -11.50
CA MET A 10 -13.60 11.35 -11.59
C MET A 10 -13.33 11.60 -13.07
N VAL A 11 -12.87 10.57 -13.77
CA VAL A 11 -12.64 10.64 -15.20
C VAL A 11 -12.80 9.25 -15.82
N LYS A 12 -13.33 9.19 -17.04
CA LYS A 12 -13.50 7.91 -17.73
C LYS A 12 -12.21 7.53 -18.46
N LEU A 13 -11.73 6.30 -18.20
CA LEU A 13 -10.52 5.78 -18.88
C LEU A 13 -10.93 4.59 -19.74
N VAL A 14 -10.71 4.73 -21.04
CA VAL A 14 -11.12 3.70 -22.00
C VAL A 14 -10.00 2.69 -22.28
N CYS A 15 -10.39 1.43 -22.33
CA CYS A 15 -9.43 0.35 -22.61
C CYS A 15 -8.96 0.43 -24.08
N PRO A 16 -7.68 0.35 -24.36
CA PRO A 16 -7.18 0.42 -25.77
C PRO A 16 -7.37 -0.90 -26.52
N ALA A 17 -7.31 -0.86 -27.85
CA ALA A 17 -7.52 -2.06 -28.66
C ALA A 17 -6.17 -2.69 -29.04
N ASP A 18 -5.32 -1.94 -29.72
CA ASP A 18 -4.01 -2.45 -30.13
C ASP A 18 -2.94 -2.13 -29.09
N ASN A 19 -3.38 -1.57 -27.97
CA ASN A 19 -2.49 -1.23 -26.86
C ASN A 19 -1.25 -0.47 -27.30
N LEU A 20 -1.44 0.59 -28.11
CA LEU A 20 -0.32 1.44 -28.53
C LEU A 20 -0.34 2.75 -27.73
N ARG A 21 -1.18 2.76 -26.69
CA ARG A 21 -1.34 3.97 -25.86
C ARG A 21 -0.82 3.75 -24.44
N ALA A 22 -0.80 2.50 -23.99
CA ALA A 22 -0.35 2.14 -22.63
C ALA A 22 -0.43 3.34 -21.68
N GLU A 23 -1.61 3.55 -21.07
CA GLU A 23 -1.85 4.68 -20.14
C GLU A 23 -0.75 5.76 -20.27
N GLY A 24 0.38 5.52 -19.61
CA GLY A 24 1.50 6.45 -19.68
C GLY A 24 2.55 6.13 -18.60
N LEU A 25 2.43 4.94 -18.02
CA LEU A 25 3.37 4.52 -16.98
C LEU A 25 3.32 2.99 -16.86
N GLU A 26 3.84 2.47 -15.75
CA GLU A 26 3.83 1.02 -15.51
C GLU A 26 2.73 0.66 -14.51
N CYS A 27 2.61 -0.63 -14.21
CA CYS A 27 1.62 -1.11 -13.25
C CYS A 27 1.49 -0.16 -12.07
N THR A 28 0.37 -0.24 -11.36
CA THR A 28 0.15 0.61 -10.20
C THR A 28 1.00 0.10 -9.03
N LYS A 29 0.93 0.80 -7.89
CA LYS A 29 1.73 0.42 -6.72
C LYS A 29 0.86 0.24 -5.48
N THR A 30 1.25 -0.71 -4.64
CA THR A 30 0.55 -0.97 -3.40
C THR A 30 1.60 -1.15 -2.27
N CYS A 31 1.21 -0.92 -1.02
CA CYS A 31 2.15 -1.06 0.09
C CYS A 31 2.79 -2.45 0.06
N GLN A 32 2.16 -3.40 -0.64
CA GLN A 32 2.71 -4.75 -0.74
C GLN A 32 3.45 -4.95 -2.06
N ASN A 33 2.90 -4.43 -3.13
CA ASN A 33 3.52 -4.60 -4.44
C ASN A 33 4.48 -3.46 -4.73
N TYR A 34 4.55 -2.48 -3.83
CA TYR A 34 5.46 -1.36 -3.99
C TYR A 34 6.78 -1.88 -4.56
N ASP A 35 7.31 -2.93 -3.94
CA ASP A 35 8.52 -3.60 -4.42
C ASP A 35 8.18 -5.01 -4.93
N LEU A 36 6.91 -5.45 -4.85
CA LEU A 36 6.54 -6.78 -5.39
C LEU A 36 5.87 -6.60 -6.75
N GLU A 37 6.49 -7.18 -7.77
CA GLU A 37 5.98 -7.03 -9.13
C GLU A 37 4.52 -7.45 -9.24
N CYS A 38 3.77 -6.68 -10.02
CA CYS A 38 2.35 -6.98 -10.26
C CYS A 38 2.23 -7.86 -11.51
N MET A 39 1.32 -8.81 -11.47
CA MET A 39 1.11 -9.69 -12.61
C MET A 39 0.36 -8.89 -13.70
N SER A 40 0.90 -8.92 -14.93
CA SER A 40 0.31 -8.18 -16.06
C SER A 40 -1.16 -7.83 -15.80
N MET A 41 -1.47 -6.54 -15.85
CA MET A 41 -2.83 -6.09 -15.55
C MET A 41 -3.78 -6.36 -16.73
N GLY A 42 -4.95 -6.88 -16.38
CA GLY A 42 -6.00 -7.16 -17.36
C GLY A 42 -7.08 -6.09 -17.26
N CYS A 43 -7.03 -5.13 -18.19
CA CYS A 43 -8.01 -4.02 -18.24
C CYS A 43 -8.81 -3.89 -16.93
N VAL A 44 -8.09 -3.77 -15.81
CA VAL A 44 -8.74 -3.64 -14.50
C VAL A 44 -9.02 -2.18 -14.21
N SER A 45 -10.19 -1.71 -14.64
CA SER A 45 -10.57 -0.33 -14.40
C SER A 45 -11.08 -0.17 -12.98
N GLY A 46 -10.56 0.84 -12.28
CA GLY A 46 -10.96 1.07 -10.90
C GLY A 46 -10.66 2.51 -10.49
N CYS A 47 -11.30 2.94 -9.40
CA CYS A 47 -11.11 4.28 -8.86
C CYS A 47 -10.31 4.20 -7.56
N LEU A 48 -9.49 5.21 -7.30
CA LEU A 48 -8.70 5.25 -6.08
C LEU A 48 -7.83 6.50 -6.04
N CYS A 49 -7.14 6.68 -4.92
CA CYS A 49 -6.29 7.87 -4.73
C CYS A 49 -5.51 8.19 -6.02
N PRO A 50 -5.24 9.44 -6.30
CA PRO A 50 -4.49 9.80 -7.55
C PRO A 50 -3.14 9.10 -7.62
N PRO A 51 -2.48 9.12 -8.76
CA PRO A 51 -1.14 8.46 -8.92
C PRO A 51 -0.13 8.95 -7.87
N GLY A 52 0.78 8.05 -7.46
CA GLY A 52 1.81 8.39 -6.47
C GLY A 52 1.43 7.87 -5.09
N MET A 53 0.32 7.15 -5.01
CA MET A 53 -0.14 6.57 -3.73
C MET A 53 -0.23 5.05 -3.84
N VAL A 54 -0.45 4.38 -2.70
CA VAL A 54 -0.55 2.92 -2.67
C VAL A 54 -1.83 2.52 -1.91
N ARG A 55 -2.34 1.31 -2.20
CA ARG A 55 -3.58 0.84 -1.57
C ARG A 55 -3.30 0.08 -0.27
N HIS A 56 -4.10 0.33 0.77
CA HIS A 56 -3.96 -0.40 2.02
C HIS A 56 -5.29 -0.40 2.78
N GLU A 57 -5.79 -1.60 3.04
CA GLU A 57 -7.05 -1.76 3.77
C GLU A 57 -8.16 -0.88 3.16
N ASN A 58 -8.16 -0.75 1.84
CA ASN A 58 -9.15 0.09 1.15
C ASN A 58 -8.99 1.55 1.55
N ARG A 59 -8.01 1.81 2.41
CA ARG A 59 -7.72 3.18 2.84
C ARG A 59 -6.57 3.72 2.01
N CYS A 60 -6.71 4.94 1.51
CA CYS A 60 -5.68 5.51 0.64
C CYS A 60 -4.58 6.17 1.46
N VAL A 61 -3.38 5.59 1.38
CA VAL A 61 -2.21 6.14 2.06
C VAL A 61 -0.99 6.08 1.15
N ALA A 62 -0.01 6.90 1.46
CA ALA A 62 1.24 6.91 0.72
C ALA A 62 2.27 6.01 1.41
N LEU A 63 3.29 5.62 0.66
CA LEU A 63 4.30 4.69 1.17
C LEU A 63 4.80 5.16 2.54
N GLU A 64 4.90 6.47 2.73
CA GLU A 64 5.33 7.01 4.02
C GLU A 64 4.25 6.84 5.08
N ARG A 65 2.98 7.05 4.70
CA ARG A 65 1.87 6.98 5.67
C ARG A 65 1.39 5.55 5.86
N CYS A 66 2.11 4.59 5.31
CA CYS A 66 1.77 3.19 5.49
C CYS A 66 2.19 2.73 6.90
N PRO A 67 1.30 2.20 7.72
CA PRO A 67 1.66 1.75 9.11
C PRO A 67 2.36 0.40 9.14
N CYS A 68 2.55 -0.13 10.35
CA CYS A 68 3.18 -1.43 10.54
C CYS A 68 2.11 -2.48 10.82
N PHE A 69 2.22 -3.64 10.18
CA PHE A 69 1.25 -4.72 10.36
C PHE A 69 1.76 -5.75 11.37
N HIS A 70 0.91 -6.07 12.35
CA HIS A 70 1.26 -7.05 13.38
C HIS A 70 0.35 -8.28 13.31
N GLN A 71 0.90 -9.38 12.80
CA GLN A 71 0.17 -10.65 12.69
C GLN A 71 -1.35 -10.46 12.64
N GLY A 72 -1.85 -9.99 11.50
CA GLY A 72 -3.29 -9.82 11.29
C GLY A 72 -3.82 -8.62 12.08
N LYS A 73 -3.14 -8.24 13.15
CA LYS A 73 -3.58 -7.09 13.96
C LYS A 73 -2.79 -5.84 13.58
N GLU A 74 -3.51 -4.72 13.45
CA GLU A 74 -2.88 -3.44 13.07
C GLU A 74 -2.98 -2.43 14.23
N TYR A 75 -1.84 -2.20 14.88
CA TYR A 75 -1.75 -1.25 15.99
C TYR A 75 -1.44 0.14 15.46
N ALA A 76 -2.03 1.16 16.07
CA ALA A 76 -1.79 2.54 15.62
C ALA A 76 -0.28 2.76 15.38
N PRO A 77 0.10 3.42 14.30
CA PRO A 77 1.55 3.67 13.99
C PRO A 77 2.17 4.73 14.89
N GLY A 78 3.50 4.73 14.96
CA GLY A 78 4.21 5.70 15.78
C GLY A 78 4.17 5.27 17.25
N GLU A 79 3.45 4.19 17.53
CA GLU A 79 3.36 3.67 18.90
C GLU A 79 4.33 2.50 19.06
N THR A 80 4.33 1.94 20.27
CA THR A 80 5.24 0.86 20.61
C THR A 80 4.54 -0.28 21.32
N VAL A 81 5.19 -1.43 21.30
CA VAL A 81 4.71 -2.63 21.97
C VAL A 81 5.88 -3.27 22.70
N LYS A 82 5.60 -4.13 23.68
CA LYS A 82 6.67 -4.77 24.44
C LYS A 82 6.80 -6.24 24.03
N ILE A 83 7.99 -6.63 23.59
CA ILE A 83 8.27 -8.02 23.22
C ILE A 83 9.38 -8.56 24.10
N GLY A 84 9.00 -9.04 25.27
CA GLY A 84 9.98 -9.55 26.23
C GLY A 84 10.65 -8.41 26.98
N CYS A 85 11.96 -8.23 26.75
CA CYS A 85 12.72 -7.16 27.41
C CYS A 85 12.98 -6.01 26.44
N ASN A 86 13.04 -6.33 25.16
CA ASN A 86 13.27 -5.31 24.13
C ASN A 86 11.93 -4.74 23.65
N THR A 87 11.91 -3.43 23.41
CA THR A 87 10.71 -2.75 22.92
C THR A 87 11.09 -1.87 21.74
N CYS A 88 10.11 -1.60 20.87
CA CYS A 88 10.36 -0.79 19.68
C CYS A 88 9.12 0.02 19.30
N VAL A 89 9.33 1.03 18.44
CA VAL A 89 8.25 1.91 18.00
C VAL A 89 7.98 1.73 16.51
N CYS A 90 6.71 1.56 16.15
CA CYS A 90 6.34 1.38 14.74
C CYS A 90 6.52 2.69 13.99
N ARG A 91 7.55 2.71 13.16
CA ARG A 91 7.87 3.86 12.31
C ARG A 91 8.52 3.35 11.02
N ASP A 92 8.04 3.86 9.90
CA ASP A 92 8.60 3.49 8.60
C ASP A 92 8.37 2.02 8.28
N ARG A 93 7.15 1.56 8.49
CA ARG A 93 6.75 0.19 8.12
C ARG A 93 7.59 -0.90 8.79
N LYS A 94 8.72 -0.52 9.41
CA LYS A 94 9.58 -1.52 10.07
C LYS A 94 9.72 -1.18 11.53
N TRP A 95 10.18 -2.15 12.33
CA TRP A 95 10.34 -1.91 13.74
C TRP A 95 11.55 -1.04 13.96
N ASN A 96 11.35 0.07 14.67
CA ASN A 96 12.45 0.97 15.00
C ASN A 96 12.74 0.83 16.47
N CYS A 97 13.69 -0.03 16.78
CA CYS A 97 14.03 -0.30 18.17
C CYS A 97 14.94 0.79 18.69
N THR A 98 14.75 1.15 19.95
CA THR A 98 15.43 2.29 20.51
C THR A 98 16.92 2.29 20.25
N ASP A 99 17.62 1.27 20.73
CA ASP A 99 19.07 1.13 20.52
C ASP A 99 19.66 0.28 21.63
N HIS A 100 19.08 0.41 22.81
CA HIS A 100 19.55 -0.33 23.97
C HIS A 100 19.23 -1.82 23.80
N VAL A 101 19.88 -2.66 24.60
CA VAL A 101 19.64 -4.11 24.54
C VAL A 101 19.52 -4.69 25.95
N CYS A 102 19.00 -5.91 26.04
CA CYS A 102 18.83 -6.59 27.33
C CYS A 102 19.76 -7.79 27.43
N ASP A 103 20.49 -8.05 26.35
CA ASP A 103 21.43 -9.18 26.33
C ASP A 103 22.65 -8.86 27.19
N GLY A 1 -15.51 -12.68 -10.73
CA GLY A 1 -14.45 -11.96 -9.96
C GLY A 1 -14.36 -10.53 -10.43
N ALA A 2 -13.44 -10.27 -11.36
CA ALA A 2 -13.27 -8.93 -11.89
C ALA A 2 -12.78 -7.98 -10.79
N MET A 3 -12.72 -6.69 -11.11
CA MET A 3 -12.27 -5.68 -10.16
C MET A 3 -13.20 -4.47 -10.19
N GLY A 4 -13.62 -4.02 -9.02
CA GLY A 4 -14.54 -2.90 -8.91
C GLY A 4 -13.93 -1.65 -9.54
N SER A 5 -12.60 -1.64 -9.68
CA SER A 5 -11.86 -0.51 -10.26
C SER A 5 -12.61 0.81 -10.02
N CYS A 6 -12.57 1.27 -8.78
CA CYS A 6 -13.29 2.48 -8.40
C CYS A 6 -14.78 2.32 -8.67
N ARG A 7 -15.57 2.36 -7.60
CA ARG A 7 -17.01 2.26 -7.72
C ARG A 7 -17.62 3.60 -8.15
N PRO A 8 -17.38 4.67 -7.41
CA PRO A 8 -17.93 6.03 -7.78
C PRO A 8 -17.34 6.54 -9.10
N PRO A 9 -18.12 6.66 -10.15
CA PRO A 9 -17.59 7.15 -11.45
C PRO A 9 -17.50 8.68 -11.47
N MET A 10 -16.28 9.20 -11.63
CA MET A 10 -16.05 10.64 -11.69
C MET A 10 -15.26 10.99 -12.96
N VAL A 11 -14.15 10.28 -13.16
CA VAL A 11 -13.30 10.50 -14.33
C VAL A 11 -13.04 9.17 -15.05
N LYS A 12 -12.81 9.26 -16.37
CA LYS A 12 -12.54 8.07 -17.19
C LYS A 12 -11.16 8.18 -17.85
N LEU A 13 -10.53 7.01 -18.08
CA LEU A 13 -9.20 6.95 -18.70
C LEU A 13 -9.24 6.06 -19.94
N VAL A 14 -8.78 6.58 -21.08
CA VAL A 14 -8.73 5.81 -22.31
C VAL A 14 -7.46 4.95 -22.36
N CYS A 15 -7.54 3.75 -21.78
CA CYS A 15 -6.39 2.86 -21.74
C CYS A 15 -5.75 2.76 -23.15
N PRO A 16 -4.50 3.14 -23.33
CA PRO A 16 -3.86 3.04 -24.68
C PRO A 16 -3.50 1.59 -25.00
N ALA A 17 -3.77 1.18 -26.23
CA ALA A 17 -3.50 -0.20 -26.66
C ALA A 17 -2.41 -0.24 -27.71
N ASP A 18 -1.98 0.91 -28.20
CA ASP A 18 -0.99 0.95 -29.26
C ASP A 18 0.38 0.48 -28.75
N ASN A 19 0.55 0.47 -27.42
CA ASN A 19 1.82 0.01 -26.80
C ASN A 19 2.86 1.13 -26.71
N LEU A 20 2.43 2.39 -26.70
CA LEU A 20 3.40 3.51 -26.58
C LEU A 20 3.74 3.78 -25.12
N ARG A 21 2.82 3.42 -24.23
CA ARG A 21 2.98 3.72 -22.80
C ARG A 21 3.42 2.46 -22.03
N ALA A 22 4.60 1.93 -22.41
CA ALA A 22 5.17 0.74 -21.73
C ALA A 22 4.70 0.65 -20.28
N GLU A 23 4.73 1.78 -19.56
CA GLU A 23 4.31 1.84 -18.16
C GLU A 23 4.92 0.70 -17.33
N GLY A 24 5.10 0.95 -16.04
CA GLY A 24 5.69 -0.06 -15.16
C GLY A 24 4.61 -0.97 -14.60
N LEU A 25 4.03 -1.79 -15.48
CA LEU A 25 2.95 -2.72 -15.11
C LEU A 25 2.21 -2.22 -13.86
N GLU A 26 1.32 -1.26 -14.06
CA GLU A 26 0.59 -0.66 -12.93
C GLU A 26 -0.39 -1.66 -12.31
N CYS A 27 0.14 -2.80 -11.90
CA CYS A 27 -0.65 -3.83 -11.24
C CYS A 27 -0.63 -3.60 -9.73
N THR A 28 -0.92 -4.65 -8.97
CA THR A 28 -0.93 -4.55 -7.51
C THR A 28 0.27 -3.71 -7.03
N LYS A 29 -0.02 -2.53 -6.48
CA LYS A 29 1.02 -1.64 -5.98
C LYS A 29 0.48 -0.79 -4.84
N THR A 30 0.87 -1.14 -3.64
CA THR A 30 0.52 -0.39 -2.47
C THR A 30 1.44 -0.83 -1.36
N CYS A 31 1.05 -0.58 -0.13
CA CYS A 31 1.83 -1.06 0.98
C CYS A 31 1.84 -2.59 0.92
N GLN A 32 0.92 -3.17 0.14
CA GLN A 32 0.83 -4.62 0.02
C GLN A 32 2.03 -5.23 -0.70
N ASN A 33 2.35 -4.70 -1.87
CA ASN A 33 3.46 -5.22 -2.68
C ASN A 33 4.44 -4.11 -3.03
N TYR A 34 4.56 -3.12 -2.15
CA TYR A 34 5.41 -1.97 -2.44
C TYR A 34 6.83 -2.43 -2.76
N ASP A 35 7.40 -3.31 -1.93
CA ASP A 35 8.75 -3.81 -2.18
C ASP A 35 8.68 -5.17 -2.86
N LEU A 36 7.49 -5.76 -2.90
CA LEU A 36 7.31 -7.07 -3.52
C LEU A 36 7.07 -6.91 -5.02
N GLU A 37 7.55 -7.88 -5.82
CA GLU A 37 7.35 -7.82 -7.27
C GLU A 37 5.93 -8.26 -7.64
N CYS A 38 5.49 -7.86 -8.83
CA CYS A 38 4.14 -8.18 -9.31
C CYS A 38 4.14 -8.49 -10.81
N MET A 39 3.32 -9.46 -11.21
CA MET A 39 3.21 -9.84 -12.62
C MET A 39 2.78 -8.64 -13.45
N SER A 40 1.51 -8.63 -13.84
CA SER A 40 0.97 -7.55 -14.66
C SER A 40 -0.55 -7.54 -14.61
N MET A 41 -1.16 -6.46 -15.11
CA MET A 41 -2.61 -6.33 -15.13
C MET A 41 -3.14 -6.28 -16.56
N GLY A 42 -2.49 -5.46 -17.39
CA GLY A 42 -2.89 -5.32 -18.80
C GLY A 42 -3.78 -4.10 -19.00
N CYS A 43 -4.09 -3.79 -20.25
CA CYS A 43 -4.91 -2.62 -20.57
C CYS A 43 -6.40 -2.95 -20.40
N VAL A 44 -6.94 -2.70 -19.21
CA VAL A 44 -8.35 -2.93 -18.93
C VAL A 44 -8.93 -1.72 -18.21
N SER A 45 -10.24 -1.54 -18.29
CA SER A 45 -10.89 -0.41 -17.63
C SER A 45 -10.37 -0.28 -16.20
N GLY A 46 -9.37 0.59 -16.01
CA GLY A 46 -8.76 0.78 -14.68
C GLY A 46 -8.70 2.25 -14.28
N CYS A 47 -9.09 2.52 -13.04
CA CYS A 47 -9.04 3.88 -12.47
C CYS A 47 -8.10 3.91 -11.27
N LEU A 48 -7.27 4.94 -11.20
CA LEU A 48 -6.33 5.07 -10.08
C LEU A 48 -6.22 6.52 -9.64
N CYS A 49 -6.14 6.73 -8.33
CA CYS A 49 -6.00 8.07 -7.78
C CYS A 49 -4.75 8.75 -8.36
N PRO A 50 -4.73 10.06 -8.49
CA PRO A 50 -3.54 10.79 -9.05
C PRO A 50 -2.22 10.21 -8.51
N PRO A 51 -1.10 10.48 -9.15
CA PRO A 51 0.23 9.95 -8.70
C PRO A 51 0.49 10.26 -7.22
N GLY A 52 1.04 9.27 -6.50
CA GLY A 52 1.32 9.42 -5.08
C GLY A 52 0.11 8.96 -4.26
N MET A 53 -1.01 8.87 -4.96
CA MET A 53 -2.27 8.44 -4.36
C MET A 53 -2.65 7.07 -4.90
N VAL A 54 -2.98 6.16 -3.98
CA VAL A 54 -3.35 4.79 -4.32
C VAL A 54 -4.64 4.40 -3.59
N ARG A 55 -5.42 3.52 -4.20
CA ARG A 55 -6.71 3.09 -3.64
C ARG A 55 -6.53 2.24 -2.38
N HIS A 56 -7.30 2.57 -1.34
CA HIS A 56 -7.29 1.78 -0.10
C HIS A 56 -8.59 2.00 0.69
N GLU A 57 -9.05 0.95 1.35
CA GLU A 57 -10.26 1.00 2.18
C GLU A 57 -11.32 1.97 1.62
N ASN A 58 -11.38 2.09 0.28
CA ASN A 58 -12.33 2.97 -0.42
C ASN A 58 -11.89 4.43 -0.45
N ARG A 59 -10.58 4.66 -0.50
CA ARG A 59 -10.06 6.02 -0.58
C ARG A 59 -8.56 6.00 -0.85
N CYS A 60 -7.98 7.18 -1.16
CA CYS A 60 -6.54 7.27 -1.44
C CYS A 60 -5.83 8.08 -0.36
N VAL A 61 -4.75 7.51 0.20
CA VAL A 61 -3.95 8.19 1.22
C VAL A 61 -2.46 7.95 0.99
N ALA A 62 -1.63 8.77 1.63
CA ALA A 62 -0.20 8.63 1.52
C ALA A 62 0.25 7.29 2.12
N LEU A 63 1.02 6.56 1.34
CA LEU A 63 1.48 5.23 1.70
C LEU A 63 2.07 5.22 3.10
N GLU A 64 2.66 6.35 3.49
CA GLU A 64 3.30 6.47 4.80
C GLU A 64 2.33 6.14 5.94
N ARG A 65 1.03 6.32 5.68
CA ARG A 65 0.00 6.10 6.70
C ARG A 65 -0.46 4.64 6.77
N CYS A 66 0.43 3.71 6.41
CA CYS A 66 0.08 2.28 6.49
C CYS A 66 0.40 1.74 7.88
N PRO A 67 -0.29 0.72 8.38
CA PRO A 67 -0.01 0.15 9.73
C PRO A 67 1.19 -0.81 9.74
N CYS A 68 1.55 -1.25 10.95
CA CYS A 68 2.68 -2.17 11.17
C CYS A 68 2.16 -3.53 11.66
N PHE A 69 2.76 -4.62 11.19
CA PHE A 69 2.32 -5.97 11.54
C PHE A 69 3.24 -6.59 12.60
N HIS A 70 2.65 -7.20 13.62
CA HIS A 70 3.42 -7.83 14.69
C HIS A 70 2.62 -8.98 15.32
N GLN A 71 3.16 -10.19 15.22
CA GLN A 71 2.51 -11.38 15.79
C GLN A 71 0.99 -11.30 15.72
N GLY A 72 0.47 -11.21 14.50
CA GLY A 72 -0.98 -11.18 14.30
C GLY A 72 -1.61 -9.92 14.87
N LYS A 73 -1.03 -9.36 15.93
CA LYS A 73 -1.59 -8.15 16.53
C LYS A 73 -1.30 -6.95 15.63
N GLU A 74 -2.33 -6.13 15.42
CA GLU A 74 -2.21 -4.93 14.59
C GLU A 74 -1.83 -3.73 15.46
N TYR A 75 -0.73 -3.07 15.11
CA TYR A 75 -0.27 -1.89 15.85
C TYR A 75 -0.26 -0.67 14.94
N ALA A 76 -0.76 0.45 15.46
CA ALA A 76 -0.78 1.69 14.68
C ALA A 76 0.60 2.36 14.74
N PRO A 77 0.98 3.15 13.75
CA PRO A 77 2.31 3.83 13.78
C PRO A 77 2.49 4.73 15.00
N GLY A 78 3.67 4.68 15.61
CA GLY A 78 3.98 5.52 16.77
C GLY A 78 3.68 4.80 18.08
N GLU A 79 3.02 3.65 18.01
CA GLU A 79 2.71 2.89 19.22
C GLU A 79 3.95 2.14 19.70
N THR A 80 3.99 1.85 21.01
CA THR A 80 5.14 1.20 21.63
C THR A 80 4.80 -0.23 22.07
N VAL A 81 5.78 -1.12 21.95
CA VAL A 81 5.62 -2.50 22.39
C VAL A 81 6.95 -3.05 22.86
N LYS A 82 6.93 -3.87 23.90
CA LYS A 82 8.15 -4.46 24.47
C LYS A 82 8.00 -5.96 24.60
N ILE A 83 9.04 -6.69 24.20
CA ILE A 83 9.03 -8.16 24.25
C ILE A 83 10.25 -8.65 25.02
N GLY A 84 10.05 -9.50 26.01
CA GLY A 84 11.17 -10.02 26.80
C GLY A 84 11.93 -8.85 27.42
N CYS A 85 12.76 -8.20 26.60
CA CYS A 85 13.55 -7.06 27.05
C CYS A 85 13.70 -6.03 25.93
N ASN A 86 13.97 -6.51 24.72
CA ASN A 86 14.12 -5.62 23.57
C ASN A 86 12.82 -4.84 23.35
N THR A 87 12.95 -3.60 22.88
CA THR A 87 11.79 -2.76 22.59
C THR A 87 11.91 -2.18 21.17
N CYS A 88 10.95 -2.52 20.31
CA CYS A 88 10.94 -2.04 18.92
C CYS A 88 9.76 -1.11 18.69
N VAL A 89 9.91 -0.19 17.73
CA VAL A 89 8.87 0.80 17.43
C VAL A 89 8.64 0.90 15.92
N CYS A 90 7.37 0.94 15.51
CA CYS A 90 7.03 1.03 14.10
C CYS A 90 7.45 2.37 13.51
N ARG A 91 8.15 2.29 12.39
CA ARG A 91 8.65 3.48 11.69
C ARG A 91 8.89 3.14 10.22
N ASP A 92 8.32 3.95 9.34
CA ASP A 92 8.49 3.75 7.90
C ASP A 92 8.16 2.30 7.53
N ARG A 93 6.89 1.97 7.64
CA ARG A 93 6.40 0.63 7.29
C ARG A 93 7.30 -0.48 7.83
N LYS A 94 8.19 -0.13 8.75
CA LYS A 94 9.13 -1.11 9.31
C LYS A 94 9.32 -0.82 10.80
N TRP A 95 9.95 -1.76 11.51
CA TRP A 95 10.20 -1.60 12.93
C TRP A 95 11.69 -1.32 13.16
N ASN A 96 11.96 -0.37 14.05
CA ASN A 96 13.33 -0.01 14.40
C ASN A 96 13.46 0.01 15.92
N CYS A 97 14.43 -0.75 16.44
CA CYS A 97 14.62 -0.86 17.89
C CYS A 97 15.85 -0.07 18.35
N THR A 98 15.94 0.14 19.66
CA THR A 98 16.94 1.04 20.22
C THR A 98 18.36 0.80 19.73
N ASP A 99 18.94 -0.34 20.12
CA ASP A 99 20.32 -0.72 19.74
C ASP A 99 21.00 -1.47 20.88
N HIS A 100 20.35 -1.46 22.04
CA HIS A 100 20.92 -2.14 23.22
C HIS A 100 20.46 -3.59 23.25
N VAL A 101 21.08 -4.39 24.11
CA VAL A 101 20.71 -5.80 24.23
C VAL A 101 19.89 -6.04 25.50
N CYS A 102 19.84 -5.04 26.38
CA CYS A 102 19.08 -5.18 27.64
C CYS A 102 19.86 -5.99 28.66
N ASP A 103 20.28 -7.20 28.26
CA ASP A 103 21.02 -8.09 29.15
C ASP A 103 22.05 -7.28 29.97
N GLY A 1 -26.29 -0.85 -9.58
CA GLY A 1 -25.35 -1.30 -8.51
C GLY A 1 -24.73 -2.63 -8.89
N ALA A 2 -23.57 -2.92 -8.32
CA ALA A 2 -22.89 -4.18 -8.61
C ALA A 2 -21.80 -4.44 -7.57
N MET A 3 -21.47 -5.72 -7.38
CA MET A 3 -20.46 -6.10 -6.40
C MET A 3 -19.06 -5.99 -7.00
N GLY A 4 -18.28 -5.04 -6.49
CA GLY A 4 -16.92 -4.84 -6.99
C GLY A 4 -16.14 -3.91 -6.06
N SER A 5 -15.71 -2.78 -6.59
CA SER A 5 -14.95 -1.80 -5.81
C SER A 5 -15.22 -0.38 -6.32
N CYS A 6 -15.78 0.46 -5.44
CA CYS A 6 -16.10 1.85 -5.77
C CYS A 6 -16.75 1.96 -7.17
N ARG A 7 -18.06 2.23 -7.20
CA ARG A 7 -18.76 2.32 -8.47
C ARG A 7 -18.24 3.51 -9.30
N PRO A 8 -18.14 4.68 -8.70
CA PRO A 8 -17.66 5.89 -9.43
C PRO A 8 -16.12 5.98 -9.45
N PRO A 9 -15.49 5.88 -10.61
CA PRO A 9 -14.00 5.97 -10.74
C PRO A 9 -13.55 7.42 -10.74
N MET A 10 -12.24 7.67 -10.88
CA MET A 10 -11.71 9.03 -10.87
C MET A 10 -11.19 9.45 -12.23
N VAL A 11 -10.18 8.72 -12.73
CA VAL A 11 -9.59 9.03 -14.03
C VAL A 11 -10.11 8.04 -15.06
N LYS A 12 -10.76 8.55 -16.10
CA LYS A 12 -11.32 7.70 -17.15
C LYS A 12 -10.19 7.07 -17.97
N LEU A 13 -10.10 5.75 -17.93
CA LEU A 13 -9.07 5.04 -18.70
C LEU A 13 -9.65 3.76 -19.26
N VAL A 14 -9.72 3.66 -20.60
CA VAL A 14 -10.28 2.48 -21.26
C VAL A 14 -9.18 1.75 -22.02
N CYS A 15 -9.31 0.44 -22.09
CA CYS A 15 -8.31 -0.37 -22.78
C CYS A 15 -8.36 -0.10 -24.29
N PRO A 16 -7.23 -0.06 -25.00
CA PRO A 16 -7.23 0.20 -26.46
C PRO A 16 -7.67 -1.03 -27.26
N ALA A 17 -7.96 -0.84 -28.55
CA ALA A 17 -8.34 -1.95 -29.39
C ALA A 17 -7.13 -2.79 -29.78
N ASP A 18 -6.14 -2.16 -30.41
CA ASP A 18 -4.94 -2.87 -30.85
C ASP A 18 -3.82 -2.78 -29.80
N ASN A 19 -4.18 -2.28 -28.63
CA ASN A 19 -3.25 -2.16 -27.51
C ASN A 19 -2.04 -1.26 -27.84
N LEU A 20 -2.23 -0.23 -28.68
CA LEU A 20 -1.12 0.69 -28.96
C LEU A 20 -1.08 1.82 -27.92
N ARG A 21 -2.26 2.39 -27.64
CA ARG A 21 -2.37 3.48 -26.68
C ARG A 21 -2.10 2.96 -25.28
N ALA A 22 -2.09 1.63 -25.16
CA ALA A 22 -1.86 0.96 -23.88
C ALA A 22 -1.06 1.81 -22.90
N GLU A 23 -1.35 1.65 -21.62
CA GLU A 23 -0.64 2.39 -20.58
C GLU A 23 0.85 2.10 -20.63
N GLY A 24 1.39 1.53 -19.57
CA GLY A 24 2.81 1.22 -19.50
C GLY A 24 3.30 1.19 -18.06
N LEU A 25 2.85 0.22 -17.28
CA LEU A 25 3.24 0.11 -15.88
C LEU A 25 2.74 -1.22 -15.31
N GLU A 26 2.18 -2.08 -16.17
CA GLU A 26 1.70 -3.38 -15.71
C GLU A 26 0.65 -3.19 -14.61
N CYS A 27 1.12 -2.96 -13.38
CA CYS A 27 0.24 -2.76 -12.23
C CYS A 27 0.75 -1.61 -11.37
N THR A 28 -0.18 -0.80 -10.85
CA THR A 28 0.22 0.34 -10.01
C THR A 28 1.00 -0.16 -8.79
N LYS A 29 1.04 0.65 -7.73
CA LYS A 29 1.78 0.29 -6.51
C LYS A 29 0.87 0.36 -5.29
N THR A 30 0.85 -0.72 -4.52
CA THR A 30 0.07 -0.79 -3.28
C THR A 30 1.02 -0.97 -2.09
N CYS A 31 0.43 -1.18 -0.90
CA CYS A 31 1.24 -1.36 0.30
C CYS A 31 1.91 -2.74 0.31
N GLN A 32 1.25 -3.77 -0.22
CA GLN A 32 1.83 -5.12 -0.17
C GLN A 32 2.98 -5.30 -1.17
N ASN A 33 2.70 -5.07 -2.44
CA ASN A 33 3.72 -5.23 -3.48
C ASN A 33 4.92 -4.34 -3.22
N TYR A 34 4.97 -3.72 -2.06
CA TYR A 34 6.10 -2.87 -1.74
C TYR A 34 7.39 -3.69 -1.76
N ASP A 35 7.58 -4.55 -0.75
CA ASP A 35 8.79 -5.38 -0.69
C ASP A 35 8.70 -6.52 -1.71
N LEU A 36 7.48 -7.05 -1.94
CA LEU A 36 7.29 -8.13 -2.92
C LEU A 36 6.76 -7.53 -4.23
N GLU A 37 6.80 -8.30 -5.31
CA GLU A 37 6.32 -7.81 -6.61
C GLU A 37 4.91 -8.29 -6.92
N CYS A 38 4.17 -7.48 -7.68
CA CYS A 38 2.79 -7.82 -8.05
C CYS A 38 2.77 -8.75 -9.27
N MET A 39 1.57 -9.13 -9.68
CA MET A 39 1.41 -10.01 -10.84
C MET A 39 1.85 -9.29 -12.12
N SER A 40 1.07 -9.44 -13.18
CA SER A 40 1.35 -8.81 -14.47
C SER A 40 0.05 -8.38 -15.15
N MET A 41 0.17 -7.61 -16.22
CA MET A 41 -1.00 -7.11 -16.93
C MET A 41 -1.90 -6.32 -15.99
N GLY A 42 -2.68 -5.42 -16.56
CA GLY A 42 -3.62 -4.58 -15.82
C GLY A 42 -4.57 -3.94 -16.82
N CYS A 43 -5.44 -3.01 -16.34
CA CYS A 43 -6.42 -2.29 -17.20
C CYS A 43 -7.85 -2.66 -16.81
N VAL A 44 -8.33 -2.08 -15.71
CA VAL A 44 -9.69 -2.33 -15.23
C VAL A 44 -10.35 -1.03 -14.79
N SER A 45 -11.18 -0.48 -15.68
CA SER A 45 -11.87 0.78 -15.40
C SER A 45 -12.35 0.83 -13.95
N GLY A 46 -11.64 1.59 -13.13
CA GLY A 46 -11.96 1.67 -11.70
C GLY A 46 -11.37 2.95 -11.09
N CYS A 47 -11.42 3.04 -9.77
CA CYS A 47 -10.90 4.21 -9.08
C CYS A 47 -9.39 4.24 -9.16
N LEU A 48 -8.86 5.24 -9.86
CA LEU A 48 -7.41 5.37 -9.98
C LEU A 48 -6.85 6.12 -8.77
N CYS A 49 -6.08 5.41 -7.95
CA CYS A 49 -5.47 6.01 -6.78
C CYS A 49 -4.40 7.03 -7.20
N PRO A 50 -4.60 8.32 -6.97
CA PRO A 50 -3.60 9.34 -7.38
C PRO A 50 -2.17 8.99 -6.90
N PRO A 51 -1.19 9.81 -7.22
CA PRO A 51 0.22 9.56 -6.80
C PRO A 51 0.49 10.02 -5.36
N GLY A 52 1.52 9.44 -4.75
CA GLY A 52 1.88 9.78 -3.37
C GLY A 52 0.92 9.14 -2.38
N MET A 53 -0.26 8.79 -2.87
CA MET A 53 -1.28 8.17 -2.02
C MET A 53 -1.31 6.66 -2.20
N VAL A 54 -1.88 5.96 -1.22
CA VAL A 54 -1.97 4.50 -1.25
C VAL A 54 -3.44 4.07 -1.10
N ARG A 55 -3.85 3.11 -1.91
CA ARG A 55 -5.23 2.63 -1.85
C ARG A 55 -5.44 1.82 -0.59
N HIS A 56 -6.19 2.36 0.37
CA HIS A 56 -6.45 1.66 1.61
C HIS A 56 -7.82 2.07 2.18
N GLU A 57 -8.46 1.14 2.85
CA GLU A 57 -9.77 1.40 3.45
C GLU A 57 -10.77 1.86 2.39
N ASN A 58 -10.69 1.23 1.22
CA ASN A 58 -11.56 1.54 0.08
C ASN A 58 -11.37 2.97 -0.42
N ARG A 59 -10.35 3.66 0.11
CA ARG A 59 -10.06 5.04 -0.30
C ARG A 59 -8.55 5.22 -0.44
N CYS A 60 -8.14 6.39 -0.93
CA CYS A 60 -6.71 6.67 -1.08
C CYS A 60 -6.26 7.72 -0.06
N VAL A 61 -5.27 7.36 0.75
CA VAL A 61 -4.72 8.26 1.76
C VAL A 61 -3.22 8.42 1.55
N ALA A 62 -2.64 9.33 2.31
CA ALA A 62 -1.21 9.56 2.27
C ALA A 62 -0.46 8.23 2.43
N LEU A 63 0.69 8.13 1.76
CA LEU A 63 1.44 6.88 1.77
C LEU A 63 1.68 6.39 3.22
N GLU A 64 2.27 7.25 4.03
CA GLU A 64 2.63 6.91 5.41
C GLU A 64 1.41 6.43 6.22
N ARG A 65 0.21 6.84 5.81
CA ARG A 65 -0.99 6.46 6.55
C ARG A 65 -1.19 4.95 6.55
N CYS A 66 -0.49 4.26 5.66
CA CYS A 66 -0.63 2.81 5.58
C CYS A 66 -0.34 2.22 6.98
N PRO A 67 -1.16 1.31 7.48
CA PRO A 67 -0.95 0.71 8.83
C PRO A 67 0.26 -0.22 8.88
N CYS A 68 0.93 -0.19 10.02
CA CYS A 68 2.12 -1.03 10.25
C CYS A 68 1.70 -2.45 10.67
N PHE A 69 2.12 -3.45 9.89
CA PHE A 69 1.72 -4.84 10.15
C PHE A 69 2.86 -5.64 10.79
N HIS A 70 2.57 -6.27 11.93
CA HIS A 70 3.56 -7.07 12.64
C HIS A 70 2.88 -7.99 13.65
N GLN A 71 3.42 -9.20 13.80
CA GLN A 71 2.89 -10.16 14.76
C GLN A 71 1.42 -10.47 14.46
N GLY A 72 0.95 -10.03 13.30
CA GLY A 72 -0.43 -10.30 12.89
C GLY A 72 -1.38 -9.22 13.41
N LYS A 73 -0.94 -8.45 14.40
CA LYS A 73 -1.77 -7.38 14.94
C LYS A 73 -1.59 -6.13 14.10
N GLU A 74 -2.64 -5.75 13.38
CA GLU A 74 -2.57 -4.56 12.53
C GLU A 74 -2.41 -3.32 13.41
N TYR A 75 -1.22 -2.70 13.37
CA TYR A 75 -0.97 -1.48 14.17
C TYR A 75 -0.33 -0.41 13.29
N ALA A 76 -0.35 0.84 13.75
CA ALA A 76 0.24 1.95 13.00
C ALA A 76 1.33 2.65 13.84
N PRO A 77 2.26 3.38 13.24
CA PRO A 77 3.33 4.07 14.01
C PRO A 77 2.78 4.89 15.18
N GLY A 78 3.67 5.38 16.03
CA GLY A 78 3.29 6.19 17.18
C GLY A 78 3.16 5.33 18.43
N GLU A 79 2.47 4.21 18.33
CA GLU A 79 2.32 3.31 19.47
C GLU A 79 3.50 2.35 19.52
N THR A 80 3.43 1.38 20.43
CA THR A 80 4.53 0.45 20.59
C THR A 80 4.04 -0.89 21.15
N VAL A 81 4.85 -1.92 20.93
CA VAL A 81 4.58 -3.25 21.47
C VAL A 81 5.88 -3.79 22.03
N LYS A 82 5.77 -4.75 22.94
CA LYS A 82 6.95 -5.34 23.55
C LYS A 82 7.31 -6.63 22.82
N ILE A 83 8.59 -6.86 22.56
CA ILE A 83 9.04 -8.10 21.91
C ILE A 83 10.06 -8.78 22.84
N GLY A 84 9.56 -9.55 23.80
CA GLY A 84 10.43 -10.19 24.79
C GLY A 84 10.82 -9.18 25.86
N CYS A 85 11.37 -8.04 25.43
CA CYS A 85 11.77 -6.99 26.36
C CYS A 85 12.36 -5.80 25.61
N ASN A 86 12.60 -5.99 24.32
CA ASN A 86 13.13 -4.94 23.47
C ASN A 86 12.00 -4.02 23.00
N THR A 87 12.30 -2.73 22.90
CA THR A 87 11.32 -1.75 22.41
C THR A 87 11.52 -1.55 20.92
N CYS A 88 10.42 -1.58 20.17
CA CYS A 88 10.46 -1.38 18.73
C CYS A 88 9.27 -0.53 18.29
N VAL A 89 9.47 0.27 17.25
CA VAL A 89 8.41 1.15 16.72
C VAL A 89 8.48 1.22 15.20
N CYS A 90 7.32 1.24 14.57
CA CYS A 90 7.25 1.31 13.11
C CYS A 90 7.73 2.68 12.62
N ARG A 91 8.85 2.65 11.91
CA ARG A 91 9.43 3.85 11.30
C ARG A 91 9.47 3.64 9.79
N ASP A 92 8.84 4.55 9.06
CA ASP A 92 8.77 4.48 7.60
C ASP A 92 8.65 3.04 7.09
N ARG A 93 7.56 2.38 7.48
CA ARG A 93 7.26 1.01 7.03
C ARG A 93 8.38 0.05 7.44
N LYS A 94 9.26 0.51 8.33
CA LYS A 94 10.37 -0.30 8.82
C LYS A 94 10.46 -0.16 10.33
N TRP A 95 10.46 -1.29 11.04
CA TRP A 95 10.57 -1.29 12.48
C TRP A 95 12.01 -0.96 12.89
N ASN A 96 12.16 -0.32 14.04
CA ASN A 96 13.49 0.05 14.56
C ASN A 96 13.65 -0.46 15.99
N CYS A 97 14.42 -1.54 16.15
CA CYS A 97 14.65 -2.14 17.48
C CYS A 97 16.03 -1.73 18.01
N THR A 98 16.07 -1.38 19.29
CA THR A 98 17.32 -0.87 19.89
C THR A 98 18.45 -1.90 19.94
N ASP A 99 18.25 -3.04 20.62
CA ASP A 99 19.27 -4.12 20.74
C ASP A 99 19.89 -4.19 22.14
N HIS A 100 19.20 -4.88 23.06
CA HIS A 100 19.72 -5.14 24.41
C HIS A 100 19.71 -6.65 24.64
N VAL A 101 20.85 -7.22 25.00
CA VAL A 101 20.92 -8.65 25.27
C VAL A 101 20.12 -8.97 26.52
N CYS A 102 18.88 -9.44 26.33
CA CYS A 102 18.01 -9.79 27.46
C CYS A 102 18.48 -11.09 28.10
N ASP A 103 18.06 -11.33 29.33
CA ASP A 103 18.44 -12.53 30.06
C ASP A 103 17.37 -13.62 29.89
N GLY A 1 -27.20 -5.00 -10.11
CA GLY A 1 -27.07 -3.65 -9.49
C GLY A 1 -25.94 -3.65 -8.47
N ALA A 2 -24.74 -3.99 -8.94
CA ALA A 2 -23.57 -4.02 -8.06
C ALA A 2 -22.30 -3.80 -8.88
N MET A 3 -22.35 -4.17 -10.16
CA MET A 3 -21.20 -3.99 -11.05
C MET A 3 -21.19 -2.58 -11.63
N GLY A 4 -20.09 -2.23 -12.32
CA GLY A 4 -19.95 -0.91 -12.92
C GLY A 4 -18.62 -0.30 -12.53
N SER A 5 -18.66 0.85 -11.86
CA SER A 5 -17.45 1.53 -11.41
C SER A 5 -17.27 1.35 -9.90
N CYS A 6 -16.06 1.62 -9.40
CA CYS A 6 -15.76 1.49 -7.97
C CYS A 6 -16.86 2.16 -7.15
N ARG A 7 -16.58 3.33 -6.60
CA ARG A 7 -17.62 4.08 -5.90
C ARG A 7 -17.16 5.51 -5.60
N PRO A 8 -15.93 5.73 -5.15
CA PRO A 8 -15.40 7.10 -4.89
C PRO A 8 -14.74 7.67 -6.16
N PRO A 9 -15.33 8.62 -6.85
CA PRO A 9 -14.74 9.17 -8.10
C PRO A 9 -13.79 10.34 -7.83
N MET A 10 -12.51 10.15 -8.14
CA MET A 10 -11.52 11.22 -8.01
C MET A 10 -10.74 11.34 -9.32
N VAL A 11 -10.06 10.25 -9.69
CA VAL A 11 -9.29 10.21 -10.94
C VAL A 11 -9.56 8.90 -11.67
N LYS A 12 -10.19 8.96 -12.84
CA LYS A 12 -10.49 7.74 -13.62
C LYS A 12 -9.71 7.74 -14.93
N LEU A 13 -9.27 6.56 -15.34
CA LEU A 13 -8.53 6.39 -16.60
C LEU A 13 -9.16 5.24 -17.39
N VAL A 14 -9.29 5.43 -18.71
CA VAL A 14 -9.93 4.43 -19.55
C VAL A 14 -9.01 3.98 -20.69
N CYS A 15 -9.19 2.74 -21.12
CA CYS A 15 -8.45 2.22 -22.26
C CYS A 15 -9.03 2.87 -23.51
N PRO A 16 -8.24 3.33 -24.45
CA PRO A 16 -8.80 4.05 -25.66
C PRO A 16 -9.50 3.15 -26.68
N ALA A 17 -9.98 3.74 -27.77
CA ALA A 17 -10.68 2.96 -28.78
C ALA A 17 -9.84 1.74 -29.17
N ASP A 18 -8.60 1.98 -29.57
CA ASP A 18 -7.70 0.89 -29.89
C ASP A 18 -7.33 0.19 -28.58
N ASN A 19 -7.76 0.80 -27.48
CA ASN A 19 -7.55 0.26 -26.15
C ASN A 19 -6.09 0.17 -25.75
N LEU A 20 -5.20 0.99 -26.35
CA LEU A 20 -3.80 0.99 -25.89
C LEU A 20 -3.20 2.34 -25.49
N ARG A 21 -3.44 3.40 -26.24
CA ARG A 21 -2.75 4.69 -25.98
C ARG A 21 -2.81 5.16 -24.52
N ALA A 22 -3.25 4.29 -23.60
CA ALA A 22 -3.25 4.63 -22.18
C ALA A 22 -1.85 4.40 -21.59
N GLU A 23 -1.55 5.14 -20.50
CA GLU A 23 -0.25 5.05 -19.83
C GLU A 23 0.17 3.58 -19.70
N GLY A 24 1.45 3.37 -19.37
CA GLY A 24 1.99 2.02 -19.21
C GLY A 24 1.96 1.57 -17.76
N LEU A 25 1.05 0.65 -17.45
CA LEU A 25 0.94 0.10 -16.08
C LEU A 25 1.27 -1.39 -16.12
N GLU A 26 2.56 -1.71 -16.17
CA GLU A 26 3.00 -3.10 -16.23
C GLU A 26 2.67 -3.83 -14.92
N CYS A 27 3.07 -3.25 -13.80
CA CYS A 27 2.82 -3.85 -12.48
C CYS A 27 2.11 -2.84 -11.57
N THR A 28 1.65 -3.32 -10.41
CA THR A 28 0.98 -2.46 -9.44
C THR A 28 1.91 -2.21 -8.26
N LYS A 29 1.65 -1.16 -7.48
CA LYS A 29 2.52 -0.84 -6.36
C LYS A 29 1.66 -0.41 -5.15
N THR A 30 1.42 -1.37 -4.27
CA THR A 30 0.65 -1.10 -3.04
C THR A 30 1.64 -0.73 -1.93
N CYS A 31 1.15 -0.69 -0.69
CA CYS A 31 1.99 -0.31 0.44
C CYS A 31 2.77 -1.52 0.98
N GLN A 32 2.11 -2.67 1.13
CA GLN A 32 2.78 -3.82 1.77
C GLN A 32 3.75 -4.54 0.80
N ASN A 33 3.24 -4.98 -0.34
CA ASN A 33 4.06 -5.72 -1.28
C ASN A 33 5.03 -4.80 -2.01
N TYR A 34 5.26 -3.63 -1.43
CA TYR A 34 6.16 -2.66 -2.04
C TYR A 34 7.49 -3.32 -2.40
N ASP A 35 7.98 -4.22 -1.55
CA ASP A 35 9.25 -4.90 -1.78
C ASP A 35 9.06 -6.26 -2.44
N LEU A 36 7.83 -6.62 -2.80
CA LEU A 36 7.56 -7.93 -3.43
C LEU A 36 7.07 -7.71 -4.86
N GLU A 37 7.36 -8.67 -5.74
CA GLU A 37 6.95 -8.55 -7.14
C GLU A 37 5.44 -8.67 -7.29
N CYS A 38 4.92 -8.15 -8.41
CA CYS A 38 3.49 -8.20 -8.71
C CYS A 38 3.25 -8.96 -10.01
N MET A 39 2.09 -9.64 -10.08
CA MET A 39 1.72 -10.40 -11.28
C MET A 39 1.60 -9.44 -12.48
N SER A 40 0.64 -9.68 -13.38
CA SER A 40 0.43 -8.83 -14.55
C SER A 40 -1.05 -8.80 -14.90
N MET A 41 -1.46 -7.83 -15.71
CA MET A 41 -2.88 -7.71 -16.06
C MET A 41 -3.02 -7.00 -17.41
N GLY A 42 -2.54 -5.76 -17.47
CA GLY A 42 -2.63 -4.94 -18.69
C GLY A 42 -3.57 -3.77 -18.46
N CYS A 43 -4.21 -3.29 -19.53
CA CYS A 43 -5.12 -2.15 -19.43
C CYS A 43 -6.56 -2.63 -19.20
N VAL A 44 -7.13 -2.26 -18.06
CA VAL A 44 -8.51 -2.63 -17.73
C VAL A 44 -9.32 -1.38 -17.41
N SER A 45 -10.22 -1.02 -18.33
CA SER A 45 -11.05 0.16 -18.16
C SER A 45 -11.67 0.16 -16.78
N GLY A 46 -11.75 1.33 -16.16
CA GLY A 46 -12.30 1.44 -14.81
C GLY A 46 -11.72 2.66 -14.10
N CYS A 47 -12.01 2.77 -12.80
CA CYS A 47 -11.53 3.89 -12.00
C CYS A 47 -10.38 3.44 -11.10
N LEU A 48 -9.34 4.27 -10.99
CA LEU A 48 -8.21 3.98 -10.11
C LEU A 48 -7.57 5.28 -9.65
N CYS A 49 -7.03 5.27 -8.44
CA CYS A 49 -6.41 6.46 -7.86
C CYS A 49 -5.20 6.91 -8.69
N PRO A 50 -4.54 8.00 -8.32
CA PRO A 50 -3.37 8.51 -9.11
C PRO A 50 -2.15 7.61 -8.94
N PRO A 51 -1.27 7.56 -9.91
CA PRO A 51 -0.04 6.71 -9.82
C PRO A 51 0.89 7.18 -8.69
N GLY A 52 1.38 6.24 -7.90
CA GLY A 52 2.26 6.55 -6.77
C GLY A 52 1.46 6.64 -5.46
N MET A 53 0.14 6.54 -5.57
CA MET A 53 -0.74 6.55 -4.38
C MET A 53 -1.28 5.15 -4.11
N VAL A 54 -1.93 4.98 -2.95
CA VAL A 54 -2.48 3.68 -2.55
C VAL A 54 -3.88 3.85 -1.95
N ARG A 55 -4.69 2.81 -2.12
CA ARG A 55 -6.05 2.80 -1.59
C ARG A 55 -6.09 1.93 -0.33
N HIS A 56 -6.43 2.53 0.81
CA HIS A 56 -6.54 1.77 2.07
C HIS A 56 -7.86 2.11 2.73
N GLU A 57 -8.69 1.08 2.89
CA GLU A 57 -10.02 1.17 3.54
C GLU A 57 -11.07 1.89 2.68
N ASN A 58 -11.05 1.60 1.37
CA ASN A 58 -12.04 2.15 0.42
C ASN A 58 -11.84 3.66 0.17
N ARG A 59 -10.62 4.14 0.29
CA ARG A 59 -10.30 5.54 -0.01
C ARG A 59 -8.80 5.70 -0.20
N CYS A 60 -8.39 6.82 -0.80
CA CYS A 60 -6.97 7.08 -1.01
C CYS A 60 -6.37 7.78 0.20
N VAL A 61 -5.24 7.26 0.67
CA VAL A 61 -4.57 7.82 1.84
C VAL A 61 -3.12 8.15 1.52
N ALA A 62 -2.60 9.20 2.15
CA ALA A 62 -1.21 9.59 1.93
C ALA A 62 -0.30 8.45 2.37
N LEU A 63 0.61 8.06 1.47
CA LEU A 63 1.51 6.95 1.72
C LEU A 63 2.03 6.95 3.16
N GLU A 64 2.43 8.11 3.65
CA GLU A 64 3.01 8.22 4.98
C GLU A 64 2.02 7.85 6.09
N ARG A 65 0.83 7.34 5.71
CA ARG A 65 -0.20 6.98 6.69
C ARG A 65 -0.52 5.50 6.61
N CYS A 66 0.47 4.74 6.23
CA CYS A 66 0.34 3.28 6.12
C CYS A 66 0.35 2.64 7.53
N PRO A 67 -0.50 1.67 7.81
CA PRO A 67 -0.53 1.00 9.15
C PRO A 67 0.71 0.13 9.40
N CYS A 68 0.88 -0.27 10.65
CA CYS A 68 2.02 -1.09 11.08
C CYS A 68 1.58 -2.54 11.31
N PHE A 69 2.20 -3.49 10.59
CA PHE A 69 1.82 -4.91 10.70
C PHE A 69 2.75 -5.66 11.65
N HIS A 70 2.19 -6.19 12.73
CA HIS A 70 2.97 -6.93 13.72
C HIS A 70 2.14 -8.04 14.35
N GLN A 71 2.76 -9.21 14.49
CA GLN A 71 2.11 -10.36 15.14
C GLN A 71 0.84 -10.81 14.42
N GLY A 72 0.84 -10.74 13.10
CA GLY A 72 -0.28 -11.24 12.31
C GLY A 72 -1.42 -10.25 12.20
N LYS A 73 -1.36 -9.15 12.93
CA LYS A 73 -2.42 -8.12 12.85
C LYS A 73 -1.79 -6.72 12.88
N GLU A 74 -2.52 -5.76 12.32
CA GLU A 74 -2.03 -4.38 12.29
C GLU A 74 -2.37 -3.64 13.56
N TYR A 75 -1.72 -2.49 13.75
CA TYR A 75 -1.92 -1.68 14.94
C TYR A 75 -1.76 -0.20 14.59
N ALA A 76 -2.30 0.67 15.44
CA ALA A 76 -2.20 2.11 15.23
C ALA A 76 -0.72 2.55 15.24
N PRO A 77 -0.15 3.00 14.14
CA PRO A 77 1.28 3.44 14.12
C PRO A 77 1.59 4.50 15.18
N GLY A 78 2.81 4.44 15.70
CA GLY A 78 3.25 5.37 16.75
C GLY A 78 3.17 4.69 18.11
N GLU A 79 2.48 3.56 18.13
CA GLU A 79 2.35 2.79 19.36
C GLU A 79 3.60 1.93 19.56
N THR A 80 3.94 1.69 20.82
CA THR A 80 5.13 0.92 21.16
C THR A 80 4.75 -0.49 21.58
N VAL A 81 5.35 -1.47 20.92
CA VAL A 81 5.12 -2.89 21.21
C VAL A 81 6.47 -3.51 21.52
N LYS A 82 6.51 -4.26 22.61
CA LYS A 82 7.74 -4.88 23.08
C LYS A 82 7.67 -6.38 22.86
N ILE A 83 8.81 -7.02 22.71
CA ILE A 83 8.88 -8.47 22.55
C ILE A 83 9.99 -9.02 23.42
N GLY A 84 9.65 -9.29 24.68
CA GLY A 84 10.64 -9.78 25.63
C GLY A 84 11.44 -8.63 26.21
N CYS A 85 12.46 -8.17 25.47
CA CYS A 85 13.30 -7.06 25.91
C CYS A 85 13.43 -6.01 24.82
N ASN A 86 13.39 -6.47 23.58
CA ASN A 86 13.50 -5.56 22.44
C ASN A 86 12.27 -4.67 22.36
N THR A 87 12.48 -3.37 22.47
CA THR A 87 11.39 -2.41 22.34
C THR A 87 11.26 -2.01 20.88
N CYS A 88 10.14 -2.39 20.25
CA CYS A 88 9.93 -2.13 18.82
C CYS A 88 8.85 -1.09 18.57
N VAL A 89 9.10 -0.27 17.55
CA VAL A 89 8.16 0.77 17.12
C VAL A 89 8.45 1.13 15.67
N CYS A 90 7.40 1.20 14.85
CA CYS A 90 7.56 1.51 13.43
C CYS A 90 7.67 3.02 13.21
N ARG A 91 8.67 3.42 12.43
CA ARG A 91 8.89 4.84 12.12
C ARG A 91 9.18 5.00 10.63
N ASP A 92 8.73 6.12 10.07
CA ASP A 92 8.90 6.39 8.64
C ASP A 92 8.54 5.16 7.83
N ARG A 93 7.43 4.53 8.20
CA ARG A 93 6.93 3.36 7.50
C ARG A 93 7.95 2.24 7.50
N LYS A 94 8.79 2.16 8.53
CA LYS A 94 9.82 1.12 8.59
C LYS A 94 9.90 0.52 10.00
N TRP A 95 10.00 -0.79 10.05
CA TRP A 95 10.12 -1.49 11.33
C TRP A 95 11.56 -1.42 11.83
N ASN A 96 11.77 -0.58 12.84
CA ASN A 96 13.09 -0.43 13.46
C ASN A 96 12.97 -0.50 14.97
N CYS A 97 13.92 -1.17 15.61
CA CYS A 97 13.88 -1.33 17.07
C CYS A 97 15.22 -0.96 17.71
N THR A 98 15.39 -1.40 18.96
CA THR A 98 16.57 -1.06 19.75
C THR A 98 17.84 -1.39 19.03
N ASP A 99 17.98 -2.59 18.57
CA ASP A 99 19.24 -3.01 17.96
C ASP A 99 20.38 -2.80 18.95
N HIS A 100 20.07 -2.21 20.11
CA HIS A 100 21.06 -2.02 21.17
C HIS A 100 21.03 -3.22 22.12
N VAL A 101 22.18 -3.62 22.63
CA VAL A 101 22.25 -4.76 23.54
C VAL A 101 21.43 -4.48 24.80
N CYS A 102 20.25 -5.09 24.88
CA CYS A 102 19.36 -4.89 26.04
C CYS A 102 19.26 -6.17 26.86
N ASP A 103 20.19 -7.09 26.65
CA ASP A 103 20.19 -8.35 27.37
C ASP A 103 20.25 -8.08 28.88
N GLY A 1 -11.46 -11.06 -10.75
CA GLY A 1 -11.28 -9.93 -11.70
C GLY A 1 -11.89 -8.65 -11.13
N ALA A 2 -12.87 -8.82 -10.25
CA ALA A 2 -13.54 -7.67 -9.63
C ALA A 2 -13.20 -7.60 -8.13
N MET A 3 -12.76 -6.42 -7.69
CA MET A 3 -12.41 -6.22 -6.28
C MET A 3 -11.92 -4.77 -6.09
N GLY A 4 -12.46 -4.10 -5.07
CA GLY A 4 -12.07 -2.72 -4.81
C GLY A 4 -12.67 -1.75 -5.82
N SER A 5 -13.93 -1.97 -6.17
CA SER A 5 -14.60 -1.11 -7.14
C SER A 5 -14.92 0.25 -6.52
N CYS A 6 -14.74 1.32 -7.30
CA CYS A 6 -15.00 2.68 -6.81
C CYS A 6 -16.48 3.03 -7.01
N ARG A 7 -17.07 3.74 -6.05
CA ARG A 7 -18.49 4.08 -6.12
C ARG A 7 -18.70 5.38 -6.92
N PRO A 8 -18.02 6.47 -6.66
CA PRO A 8 -18.24 7.72 -7.41
C PRO A 8 -17.13 7.95 -8.44
N PRO A 9 -17.39 7.75 -9.71
CA PRO A 9 -16.37 8.00 -10.76
C PRO A 9 -15.71 9.36 -10.55
N MET A 10 -14.38 9.37 -10.42
CA MET A 10 -13.65 10.62 -10.22
C MET A 10 -13.31 11.21 -11.57
N VAL A 11 -12.55 10.45 -12.36
CA VAL A 11 -12.18 10.88 -13.72
C VAL A 11 -12.05 9.67 -14.62
N LYS A 12 -12.77 9.67 -15.74
CA LYS A 12 -12.75 8.55 -16.67
C LYS A 12 -11.36 8.32 -17.24
N LEU A 13 -11.04 7.06 -17.54
CA LEU A 13 -9.74 6.71 -18.15
C LEU A 13 -9.97 5.97 -19.47
N VAL A 14 -9.25 6.38 -20.52
CA VAL A 14 -9.38 5.74 -21.84
C VAL A 14 -8.12 4.96 -22.18
N CYS A 15 -8.28 3.64 -22.30
CA CYS A 15 -7.16 2.76 -22.60
C CYS A 15 -6.73 2.93 -24.07
N PRO A 16 -5.47 3.18 -24.36
CA PRO A 16 -5.00 3.33 -25.75
C PRO A 16 -4.97 1.98 -26.48
N ALA A 17 -4.73 2.02 -27.79
CA ALA A 17 -4.68 0.80 -28.60
C ALA A 17 -3.25 0.50 -29.05
N ASP A 18 -2.60 1.45 -29.71
CA ASP A 18 -1.25 1.22 -30.23
C ASP A 18 -0.18 1.37 -29.14
N ASN A 19 -0.55 1.94 -28.01
CA ASN A 19 0.39 2.09 -26.88
C ASN A 19 1.63 2.90 -27.26
N LEU A 20 1.61 3.59 -28.39
CA LEU A 20 2.77 4.39 -28.80
C LEU A 20 3.32 5.17 -27.60
N ARG A 21 2.42 5.64 -26.74
CA ARG A 21 2.81 6.49 -25.59
C ARG A 21 2.73 5.73 -24.27
N ALA A 22 2.19 4.52 -24.30
CA ALA A 22 2.07 3.71 -23.08
C ALA A 22 0.87 4.14 -22.23
N GLU A 23 0.82 5.43 -21.87
CA GLU A 23 -0.24 6.03 -21.04
C GLU A 23 0.35 6.52 -19.72
N GLY A 24 0.92 5.59 -18.97
CA GLY A 24 1.53 5.93 -17.68
C GLY A 24 1.92 4.68 -16.90
N LEU A 25 1.42 4.59 -15.67
CA LEU A 25 1.71 3.44 -14.82
C LEU A 25 1.42 2.14 -15.56
N GLU A 26 1.97 1.04 -15.04
CA GLU A 26 1.74 -0.27 -15.65
C GLU A 26 0.87 -1.13 -14.74
N CYS A 27 1.48 -1.66 -13.67
CA CYS A 27 0.77 -2.50 -12.71
C CYS A 27 0.44 -1.69 -11.45
N THR A 28 -0.64 -2.05 -10.79
CA THR A 28 -1.03 -1.36 -9.57
C THR A 28 0.05 -1.59 -8.49
N LYS A 29 0.13 -0.69 -7.51
CA LYS A 29 1.14 -0.81 -6.46
C LYS A 29 0.47 -0.69 -5.09
N THR A 30 0.94 -1.49 -4.13
CA THR A 30 0.40 -1.45 -2.77
C THR A 30 1.51 -1.02 -1.82
N CYS A 31 1.13 -0.61 -0.62
CA CYS A 31 2.11 -0.11 0.34
C CYS A 31 3.00 -1.23 0.87
N GLN A 32 2.41 -2.35 1.30
CA GLN A 32 3.19 -3.42 1.94
C GLN A 32 3.79 -4.37 0.89
N ASN A 33 3.23 -4.39 -0.33
CA ASN A 33 3.70 -5.31 -1.37
C ASN A 33 4.30 -4.55 -2.57
N TYR A 34 4.61 -3.28 -2.38
CA TYR A 34 5.23 -2.49 -3.44
C TYR A 34 6.42 -3.22 -4.06
N ASP A 35 6.91 -4.26 -3.38
CA ASP A 35 8.09 -4.99 -3.86
C ASP A 35 7.71 -6.39 -4.40
N LEU A 36 6.56 -6.50 -5.07
CA LEU A 36 6.10 -7.81 -5.58
C LEU A 36 6.11 -7.83 -7.12
N GLU A 37 6.49 -8.98 -7.68
CA GLU A 37 6.56 -9.14 -9.14
C GLU A 37 5.20 -8.84 -9.78
N CYS A 38 5.26 -8.11 -10.90
CA CYS A 38 4.05 -7.78 -11.65
C CYS A 38 3.96 -8.64 -12.90
N MET A 39 2.98 -9.53 -12.92
CA MET A 39 2.78 -10.43 -14.05
C MET A 39 2.48 -9.61 -15.33
N SER A 40 1.56 -10.08 -16.17
CA SER A 40 1.20 -9.37 -17.40
C SER A 40 0.40 -8.10 -17.09
N MET A 41 -0.64 -8.24 -16.26
CA MET A 41 -1.50 -7.11 -15.89
C MET A 41 -1.73 -6.20 -17.10
N GLY A 42 -1.60 -4.88 -16.89
CA GLY A 42 -1.74 -3.91 -17.97
C GLY A 42 -2.86 -2.91 -17.70
N CYS A 43 -3.52 -2.46 -18.76
CA CYS A 43 -4.59 -1.47 -18.65
C CYS A 43 -5.97 -2.13 -18.72
N VAL A 44 -6.78 -1.89 -17.70
CA VAL A 44 -8.14 -2.41 -17.65
C VAL A 44 -9.05 -1.39 -16.97
N SER A 45 -10.15 -1.06 -17.65
CA SER A 45 -11.10 -0.07 -17.12
C SER A 45 -11.25 -0.21 -15.61
N GLY A 46 -10.39 0.49 -14.88
CA GLY A 46 -10.40 0.43 -13.42
C GLY A 46 -9.93 1.75 -12.82
N CYS A 47 -10.35 2.01 -11.59
CA CYS A 47 -10.00 3.24 -10.90
C CYS A 47 -9.13 2.94 -9.68
N LEU A 48 -7.99 3.62 -9.58
CA LEU A 48 -7.08 3.44 -8.45
C LEU A 48 -6.65 4.80 -7.91
N CYS A 49 -6.29 4.84 -6.64
CA CYS A 49 -5.88 6.09 -6.01
C CYS A 49 -4.78 6.77 -6.85
N PRO A 50 -4.62 8.07 -6.73
CA PRO A 50 -3.60 8.84 -7.51
C PRO A 50 -2.24 8.09 -7.56
N PRO A 51 -1.42 8.34 -8.56
CA PRO A 51 -0.09 7.68 -8.67
C PRO A 51 0.74 7.72 -7.38
N GLY A 52 0.82 8.89 -6.76
CA GLY A 52 1.62 9.04 -5.54
C GLY A 52 0.88 8.51 -4.32
N MET A 53 -0.29 7.95 -4.55
CA MET A 53 -1.10 7.39 -3.46
C MET A 53 -1.54 5.96 -3.80
N VAL A 54 -2.03 5.24 -2.78
CA VAL A 54 -2.42 3.82 -2.97
C VAL A 54 -3.82 3.59 -2.40
N ARG A 55 -4.41 2.46 -2.78
CA ARG A 55 -5.73 2.10 -2.30
C ARG A 55 -5.59 1.23 -1.03
N HIS A 56 -6.10 1.69 0.10
CA HIS A 56 -6.05 0.89 1.33
C HIS A 56 -7.36 1.04 2.10
N GLU A 57 -7.72 -0.01 2.83
CA GLU A 57 -8.98 -0.05 3.59
C GLU A 57 -10.12 0.63 2.83
N ASN A 58 -10.12 0.48 1.51
CA ASN A 58 -11.16 1.05 0.63
C ASN A 58 -11.15 2.58 0.62
N ARG A 59 -10.05 3.18 1.06
CA ARG A 59 -9.92 4.64 1.04
C ARG A 59 -8.51 4.99 0.58
N CYS A 60 -8.28 6.26 0.31
CA CYS A 60 -6.97 6.72 -0.14
C CYS A 60 -6.08 7.03 1.05
N VAL A 61 -4.90 6.40 1.09
CA VAL A 61 -3.94 6.62 2.17
C VAL A 61 -2.55 6.90 1.61
N ALA A 62 -1.85 7.86 2.23
CA ALA A 62 -0.51 8.21 1.79
C ALA A 62 0.50 7.13 2.22
N LEU A 63 1.66 7.18 1.61
CA LEU A 63 2.70 6.17 1.82
C LEU A 63 3.18 6.14 3.28
N GLU A 64 3.96 7.15 3.67
CA GLU A 64 4.53 7.18 5.01
C GLU A 64 3.44 6.97 6.08
N ARG A 65 2.19 7.24 5.74
CA ARG A 65 1.09 7.11 6.68
C ARG A 65 0.60 5.67 6.77
N CYS A 66 1.14 4.83 5.90
CA CYS A 66 0.76 3.41 5.89
C CYS A 66 1.02 2.80 7.28
N PRO A 67 0.12 1.98 7.81
CA PRO A 67 0.30 1.36 9.15
C PRO A 67 1.23 0.14 9.12
N CYS A 68 1.61 -0.32 10.32
CA CYS A 68 2.49 -1.48 10.46
C CYS A 68 1.69 -2.75 10.66
N PHE A 69 2.20 -3.86 10.12
CA PHE A 69 1.52 -5.15 10.26
C PHE A 69 2.47 -6.17 10.87
N HIS A 70 2.09 -6.70 12.03
CA HIS A 70 2.92 -7.66 12.75
C HIS A 70 2.12 -8.35 13.85
N GLN A 71 2.31 -9.66 13.97
CA GLN A 71 1.65 -10.46 14.99
C GLN A 71 0.12 -10.42 14.81
N GLY A 72 -0.32 -10.13 13.59
CA GLY A 72 -1.74 -10.13 13.26
C GLY A 72 -2.43 -8.82 13.62
N LYS A 73 -1.77 -7.98 14.42
CA LYS A 73 -2.37 -6.70 14.83
C LYS A 73 -1.89 -5.57 13.91
N GLU A 74 -2.76 -4.58 13.70
CA GLU A 74 -2.44 -3.43 12.88
C GLU A 74 -2.55 -2.15 13.69
N TYR A 75 -1.53 -1.30 13.64
CA TYR A 75 -1.56 -0.03 14.36
C TYR A 75 -0.76 1.02 13.59
N ALA A 76 -0.73 2.25 14.09
CA ALA A 76 0.02 3.32 13.45
C ALA A 76 1.25 3.68 14.30
N PRO A 77 2.24 4.33 13.72
CA PRO A 77 3.47 4.71 14.46
C PRO A 77 3.16 5.31 15.84
N GLY A 78 3.84 4.80 16.87
CA GLY A 78 3.63 5.26 18.25
C GLY A 78 3.27 4.09 19.15
N GLU A 79 2.85 2.98 18.54
CA GLU A 79 2.52 1.79 19.30
C GLU A 79 3.80 1.08 19.73
N THR A 80 3.76 0.46 20.89
CA THR A 80 4.92 -0.28 21.41
C THR A 80 4.60 -1.75 21.47
N VAL A 81 5.43 -2.55 20.81
CA VAL A 81 5.29 -4.00 20.85
C VAL A 81 6.43 -4.52 21.70
N LYS A 82 6.10 -5.33 22.70
CA LYS A 82 7.10 -5.79 23.65
C LYS A 82 7.37 -7.27 23.50
N ILE A 83 8.50 -7.62 22.88
CA ILE A 83 8.91 -9.02 22.77
C ILE A 83 10.21 -9.19 23.53
N GLY A 84 10.09 -9.47 24.83
CA GLY A 84 11.25 -9.58 25.70
C GLY A 84 11.36 -8.34 26.58
N CYS A 85 12.23 -7.41 26.19
CA CYS A 85 12.42 -6.17 26.95
C CYS A 85 12.78 -5.02 26.02
N ASN A 86 12.22 -5.08 24.81
CA ASN A 86 12.48 -4.06 23.78
C ASN A 86 11.17 -3.44 23.29
N THR A 87 11.16 -2.10 23.25
CA THR A 87 10.03 -1.35 22.70
C THR A 87 10.30 -1.15 21.21
N CYS A 88 9.25 -1.22 20.39
CA CYS A 88 9.44 -1.05 18.96
C CYS A 88 8.31 -0.23 18.37
N VAL A 89 8.69 0.82 17.64
CA VAL A 89 7.73 1.72 16.99
C VAL A 89 7.96 1.69 15.47
N CYS A 90 6.85 1.58 14.74
CA CYS A 90 6.92 1.55 13.29
C CYS A 90 7.43 2.86 12.74
N ARG A 91 8.53 2.77 11.99
CA ARG A 91 9.17 3.94 11.40
C ARG A 91 9.43 3.69 9.92
N ASP A 92 8.80 4.48 9.07
CA ASP A 92 8.97 4.33 7.63
C ASP A 92 8.79 2.86 7.22
N ARG A 93 7.81 2.21 7.83
CA ARG A 93 7.49 0.81 7.50
C ARG A 93 8.61 -0.11 8.02
N LYS A 94 9.42 0.40 8.96
CA LYS A 94 10.51 -0.39 9.56
C LYS A 94 10.54 -0.17 11.06
N TRP A 95 11.00 -1.18 11.80
CA TRP A 95 11.08 -1.11 13.25
C TRP A 95 12.46 -0.61 13.69
N ASN A 96 12.45 0.25 14.71
CA ASN A 96 13.68 0.75 15.33
C ASN A 96 13.55 0.57 16.84
N CYS A 97 14.16 -0.49 17.35
CA CYS A 97 14.04 -0.83 18.78
C CYS A 97 15.30 -0.46 19.56
N THR A 98 15.20 -0.55 20.88
CA THR A 98 16.30 -0.13 21.76
C THR A 98 17.63 -0.76 21.36
N ASP A 99 17.66 -2.06 21.14
CA ASP A 99 18.89 -2.77 20.77
C ASP A 99 19.88 -2.78 21.95
N HIS A 100 19.62 -3.66 22.92
CA HIS A 100 20.50 -3.81 24.07
C HIS A 100 20.30 -5.18 24.72
N VAL A 101 21.28 -5.60 25.52
CA VAL A 101 21.20 -6.89 26.19
C VAL A 101 20.38 -6.78 27.47
N CYS A 102 19.21 -7.42 27.47
CA CYS A 102 18.31 -7.38 28.63
C CYS A 102 17.81 -8.79 28.95
N ASP A 103 16.85 -8.87 29.87
CA ASP A 103 16.31 -10.17 30.28
C ASP A 103 17.46 -11.16 30.49
N GLY A 1 -14.16 -3.93 -14.37
CA GLY A 1 -13.97 -2.50 -13.97
C GLY A 1 -13.91 -2.42 -12.45
N ALA A 2 -15.07 -2.20 -11.82
CA ALA A 2 -15.16 -2.08 -10.37
C ALA A 2 -15.68 -3.37 -9.75
N MET A 3 -15.32 -3.60 -8.48
CA MET A 3 -15.79 -4.80 -7.78
C MET A 3 -15.83 -4.56 -6.27
N GLY A 4 -17.03 -4.37 -5.74
CA GLY A 4 -17.21 -4.15 -4.30
C GLY A 4 -16.50 -2.88 -3.84
N SER A 5 -16.04 -2.06 -4.80
CA SER A 5 -15.35 -0.82 -4.44
C SER A 5 -15.49 0.22 -5.56
N CYS A 6 -15.68 1.47 -5.16
CA CYS A 6 -15.82 2.57 -6.11
C CYS A 6 -16.69 2.17 -7.30
N ARG A 7 -17.97 2.55 -7.25
CA ARG A 7 -18.89 2.25 -8.34
C ARG A 7 -19.03 3.43 -9.31
N PRO A 8 -18.97 4.66 -8.83
CA PRO A 8 -19.08 5.86 -9.71
C PRO A 8 -17.69 6.34 -10.20
N PRO A 9 -17.36 6.19 -11.47
CA PRO A 9 -16.04 6.66 -12.00
C PRO A 9 -15.88 8.18 -11.88
N MET A 10 -14.65 8.66 -11.72
CA MET A 10 -14.39 10.10 -11.61
C MET A 10 -13.72 10.58 -12.89
N VAL A 11 -12.76 9.78 -13.37
CA VAL A 11 -12.03 10.09 -14.60
C VAL A 11 -12.07 8.88 -15.52
N LYS A 12 -11.86 9.10 -16.82
CA LYS A 12 -11.88 8.00 -17.80
C LYS A 12 -10.45 7.70 -18.31
N LEU A 13 -9.92 6.54 -17.91
CA LEU A 13 -8.59 6.11 -18.36
C LEU A 13 -8.73 4.71 -18.98
N VAL A 14 -8.42 4.59 -20.28
CA VAL A 14 -8.57 3.30 -20.97
C VAL A 14 -7.22 2.80 -21.49
N CYS A 15 -7.16 1.49 -21.73
CA CYS A 15 -5.93 0.86 -22.20
C CYS A 15 -5.77 1.01 -23.73
N PRO A 16 -4.76 1.71 -24.23
CA PRO A 16 -4.57 1.88 -25.70
C PRO A 16 -4.77 0.55 -26.43
N ALA A 17 -4.88 0.62 -27.75
CA ALA A 17 -5.10 -0.58 -28.54
C ALA A 17 -3.93 -1.56 -28.46
N ASP A 18 -2.70 -1.08 -28.70
CA ASP A 18 -1.52 -1.95 -28.68
C ASP A 18 -0.53 -1.56 -27.57
N ASN A 19 -0.94 -0.67 -26.68
CA ASN A 19 -0.10 -0.26 -25.54
C ASN A 19 1.16 0.50 -25.95
N LEU A 20 1.01 1.73 -26.47
CA LEU A 20 2.17 2.57 -26.82
C LEU A 20 2.28 3.81 -25.91
N ARG A 21 1.19 4.12 -25.21
CA ARG A 21 1.17 5.30 -24.32
C ARG A 21 1.67 4.94 -22.93
N ALA A 22 1.71 3.65 -22.63
CA ALA A 22 2.10 3.19 -21.31
C ALA A 22 1.19 3.83 -20.27
N GLU A 23 0.10 3.14 -19.96
CA GLU A 23 -0.89 3.63 -19.01
C GLU A 23 -0.46 3.35 -17.57
N GLY A 24 -1.35 2.75 -16.79
CA GLY A 24 -1.04 2.44 -15.39
C GLY A 24 0.19 1.55 -15.30
N LEU A 25 0.75 1.16 -16.44
CA LEU A 25 1.96 0.32 -16.49
C LEU A 25 1.61 -1.17 -16.39
N GLU A 26 2.61 -2.02 -16.63
CA GLU A 26 2.42 -3.47 -16.57
C GLU A 26 2.07 -3.92 -15.15
N CYS A 27 2.77 -3.37 -14.16
CA CYS A 27 2.54 -3.74 -12.75
C CYS A 27 2.03 -2.54 -11.94
N THR A 28 0.95 -2.77 -11.20
CA THR A 28 0.39 -1.72 -10.36
C THR A 28 1.34 -1.39 -9.23
N LYS A 29 0.99 -0.44 -8.38
CA LYS A 29 1.86 -0.03 -7.29
C LYS A 29 1.03 0.14 -6.00
N THR A 30 1.00 -0.92 -5.20
CA THR A 30 0.29 -0.91 -3.93
C THR A 30 1.27 -0.76 -2.77
N CYS A 31 0.77 -0.61 -1.55
CA CYS A 31 1.63 -0.45 -0.39
C CYS A 31 2.58 -1.65 -0.22
N GLN A 32 2.11 -2.87 -0.52
CA GLN A 32 2.94 -4.07 -0.29
C GLN A 32 3.72 -4.49 -1.55
N ASN A 33 3.02 -4.72 -2.66
CA ASN A 33 3.67 -5.09 -3.91
C ASN A 33 4.67 -4.02 -4.30
N TYR A 34 4.67 -2.90 -3.57
CA TYR A 34 5.64 -1.86 -3.83
C TYR A 34 6.99 -2.53 -4.02
N ASP A 35 7.23 -3.54 -3.18
CA ASP A 35 8.44 -4.36 -3.29
C ASP A 35 8.08 -5.78 -3.72
N LEU A 36 6.77 -6.11 -3.82
CA LEU A 36 6.35 -7.45 -4.29
C LEU A 36 5.81 -7.32 -5.73
N GLU A 37 6.58 -7.85 -6.68
CA GLU A 37 6.24 -7.73 -8.09
C GLU A 37 4.88 -8.38 -8.38
N CYS A 38 4.33 -8.04 -9.55
CA CYS A 38 3.05 -8.59 -9.97
C CYS A 38 3.10 -8.92 -11.46
N MET A 39 2.05 -9.56 -11.96
CA MET A 39 2.00 -9.94 -13.37
C MET A 39 1.35 -8.84 -14.20
N SER A 40 0.10 -9.04 -14.62
CA SER A 40 -0.61 -8.04 -15.43
C SER A 40 -1.97 -8.59 -15.85
N MET A 41 -2.38 -8.38 -17.11
CA MET A 41 -3.68 -8.86 -17.58
C MET A 41 -4.78 -8.44 -16.60
N GLY A 42 -5.58 -7.45 -17.00
CA GLY A 42 -6.69 -7.00 -16.17
C GLY A 42 -6.73 -5.49 -16.07
N CYS A 43 -6.41 -4.81 -17.18
CA CYS A 43 -6.45 -3.35 -17.21
C CYS A 43 -7.76 -2.90 -17.85
N VAL A 44 -8.62 -2.31 -17.03
CA VAL A 44 -9.95 -1.88 -17.48
C VAL A 44 -10.20 -0.45 -17.03
N SER A 45 -11.11 0.24 -17.72
CA SER A 45 -11.45 1.61 -17.37
C SER A 45 -12.12 1.62 -15.99
N GLY A 46 -11.97 2.74 -15.28
CA GLY A 46 -12.55 2.85 -13.94
C GLY A 46 -11.84 3.94 -13.12
N CYS A 47 -12.19 4.03 -11.84
CA CYS A 47 -11.61 5.03 -10.96
C CYS A 47 -10.30 4.55 -10.34
N LEU A 48 -9.28 5.40 -10.38
CA LEU A 48 -7.98 5.08 -9.79
C LEU A 48 -7.45 6.33 -9.06
N CYS A 49 -7.15 6.18 -7.78
CA CYS A 49 -6.68 7.31 -6.98
C CYS A 49 -5.46 7.96 -7.64
N PRO A 50 -5.26 9.24 -7.43
CA PRO A 50 -4.11 9.97 -8.05
C PRO A 50 -2.75 9.37 -7.63
N PRO A 51 -1.70 9.57 -8.41
CA PRO A 51 -0.33 9.03 -8.06
C PRO A 51 0.30 9.75 -6.86
N GLY A 52 1.32 9.12 -6.26
CA GLY A 52 2.01 9.69 -5.09
C GLY A 52 1.53 9.00 -3.82
N MET A 53 0.34 8.41 -3.89
CA MET A 53 -0.21 7.68 -2.76
C MET A 53 -0.55 6.26 -3.17
N VAL A 54 -1.08 5.48 -2.23
CA VAL A 54 -1.45 4.08 -2.52
C VAL A 54 -2.83 3.76 -1.92
N ARG A 55 -3.49 2.77 -2.51
CA ARG A 55 -4.83 2.38 -2.05
C ARG A 55 -4.75 1.60 -0.73
N HIS A 56 -5.70 1.86 0.15
CA HIS A 56 -5.78 1.16 1.42
C HIS A 56 -7.25 1.01 1.83
N GLU A 57 -7.72 -0.23 1.87
CA GLU A 57 -9.09 -0.52 2.27
C GLU A 57 -10.08 0.48 1.66
N ASN A 58 -9.89 0.80 0.38
CA ASN A 58 -10.77 1.72 -0.38
C ASN A 58 -10.45 3.20 -0.11
N ARG A 59 -9.44 3.45 0.73
CA ARG A 59 -9.03 4.83 1.06
C ARG A 59 -7.57 5.05 0.65
N CYS A 60 -7.26 6.24 0.12
CA CYS A 60 -5.91 6.54 -0.38
C CYS A 60 -5.15 7.49 0.55
N VAL A 61 -3.90 7.12 0.83
CA VAL A 61 -3.01 7.94 1.66
C VAL A 61 -1.55 7.62 1.34
N ALA A 62 -0.66 8.52 1.75
CA ALA A 62 0.77 8.33 1.55
C ALA A 62 1.29 7.18 2.41
N LEU A 63 2.50 6.74 2.10
CA LEU A 63 3.11 5.59 2.78
C LEU A 63 3.08 5.74 4.31
N GLU A 64 3.52 6.89 4.79
CA GLU A 64 3.62 7.15 6.22
C GLU A 64 2.30 6.80 6.93
N ARG A 65 1.24 6.54 6.16
CA ARG A 65 -0.06 6.22 6.76
C ARG A 65 -0.33 4.71 6.75
N CYS A 66 0.42 3.97 5.93
CA CYS A 66 0.21 2.53 5.82
C CYS A 66 0.34 1.86 7.22
N PRO A 67 -0.62 1.07 7.69
CA PRO A 67 -0.51 0.42 9.04
C PRO A 67 0.62 -0.61 9.09
N CYS A 68 1.04 -0.96 10.32
CA CYS A 68 2.10 -1.95 10.53
C CYS A 68 1.52 -3.26 11.06
N PHE A 69 2.18 -4.39 10.74
CA PHE A 69 1.70 -5.73 11.15
C PHE A 69 2.60 -6.36 12.22
N HIS A 70 1.98 -6.99 13.22
CA HIS A 70 2.75 -7.64 14.29
C HIS A 70 1.92 -8.70 15.03
N GLN A 71 2.49 -9.88 15.22
CA GLN A 71 1.80 -10.95 15.93
C GLN A 71 0.31 -11.02 15.54
N GLY A 72 0.06 -11.13 14.24
CA GLY A 72 -1.31 -11.27 13.75
C GLY A 72 -2.16 -10.01 14.00
N LYS A 73 -1.76 -9.20 14.96
CA LYS A 73 -2.49 -7.96 15.28
C LYS A 73 -1.73 -6.77 14.72
N GLU A 74 -2.45 -5.69 14.40
CA GLU A 74 -1.80 -4.48 13.85
C GLU A 74 -1.91 -3.35 14.87
N TYR A 75 -0.89 -2.48 14.94
CA TYR A 75 -0.90 -1.34 15.88
C TYR A 75 -0.82 0.00 15.11
N ALA A 76 -0.80 1.10 15.86
CA ALA A 76 -0.77 2.45 15.30
C ALA A 76 0.61 3.09 15.49
N PRO A 77 0.93 4.11 14.73
CA PRO A 77 2.26 4.80 14.83
C PRO A 77 2.42 5.58 16.14
N GLY A 78 3.67 5.76 16.57
CA GLY A 78 3.97 6.49 17.80
C GLY A 78 3.72 5.60 19.02
N GLU A 79 3.41 4.32 18.77
CA GLU A 79 3.13 3.39 19.85
C GLU A 79 3.93 2.10 19.69
N THR A 80 4.10 1.40 20.80
CA THR A 80 4.88 0.16 20.82
C THR A 80 4.44 -0.77 21.94
N VAL A 81 5.25 -1.81 22.12
CA VAL A 81 5.03 -2.82 23.15
C VAL A 81 6.35 -3.18 23.79
N LYS A 82 6.34 -4.19 24.66
CA LYS A 82 7.54 -4.59 25.38
C LYS A 82 7.88 -6.07 25.09
N ILE A 83 8.82 -6.31 24.17
CA ILE A 83 9.23 -7.68 23.85
C ILE A 83 10.59 -7.96 24.50
N GLY A 84 10.56 -8.37 25.76
CA GLY A 84 11.78 -8.71 26.50
C GLY A 84 12.99 -7.85 26.09
N CYS A 85 13.30 -6.87 26.92
CA CYS A 85 14.47 -6.02 26.71
C CYS A 85 14.39 -5.19 25.42
N ASN A 86 14.33 -5.85 24.27
CA ASN A 86 14.29 -5.13 22.99
C ASN A 86 12.86 -4.96 22.50
N THR A 87 12.52 -3.72 22.11
CA THR A 87 11.21 -3.40 21.54
C THR A 87 11.40 -2.56 20.28
N CYS A 88 10.35 -2.45 19.47
CA CYS A 88 10.43 -1.72 18.21
C CYS A 88 9.17 -0.88 17.98
N VAL A 89 9.32 0.28 17.31
CA VAL A 89 8.19 1.20 17.05
C VAL A 89 7.94 1.31 15.53
N CYS A 90 6.66 1.15 15.11
CA CYS A 90 6.30 1.18 13.68
C CYS A 90 6.66 2.52 13.05
N ARG A 91 7.85 2.53 12.47
CA ARG A 91 8.38 3.67 11.73
C ARG A 91 8.39 3.32 10.25
N ASP A 92 7.42 3.88 9.54
CA ASP A 92 7.29 3.67 8.11
C ASP A 92 7.15 2.19 7.74
N ARG A 93 5.94 1.66 7.90
CA ARG A 93 5.62 0.29 7.48
C ARG A 93 6.42 -0.77 8.25
N LYS A 94 7.35 -0.36 9.10
CA LYS A 94 8.15 -1.34 9.85
C LYS A 94 8.47 -0.80 11.23
N TRP A 95 8.84 -1.71 12.14
CA TRP A 95 9.20 -1.31 13.51
C TRP A 95 10.72 -1.17 13.64
N ASN A 96 11.16 0.01 14.08
CA ASN A 96 12.58 0.29 14.30
C ASN A 96 12.97 -0.14 15.71
N CYS A 97 13.88 -1.09 15.78
CA CYS A 97 14.27 -1.66 17.07
C CYS A 97 15.42 -0.89 17.73
N THR A 98 15.27 -0.66 19.03
CA THR A 98 16.23 0.11 19.83
C THR A 98 17.65 -0.40 19.71
N ASP A 99 17.81 -1.62 19.29
CA ASP A 99 19.14 -2.23 19.22
C ASP A 99 19.78 -2.29 20.61
N HIS A 100 19.15 -1.63 21.59
CA HIS A 100 19.67 -1.65 22.95
C HIS A 100 19.63 -3.09 23.49
N VAL A 101 20.66 -3.48 24.25
CA VAL A 101 20.70 -4.82 24.83
C VAL A 101 21.05 -4.73 26.31
N CYS A 102 20.12 -5.16 27.16
CA CYS A 102 20.36 -5.11 28.60
C CYS A 102 21.43 -6.12 28.99
N ASP A 103 21.04 -7.39 29.11
CA ASP A 103 21.98 -8.43 29.49
C ASP A 103 22.88 -8.78 28.30
N GLY A 1 -10.84 -4.42 -21.49
CA GLY A 1 -10.37 -3.25 -20.72
C GLY A 1 -11.56 -2.38 -20.33
N ALA A 2 -12.59 -3.03 -19.80
CA ALA A 2 -13.80 -2.33 -19.35
C ALA A 2 -14.75 -3.30 -18.65
N MET A 3 -14.78 -3.24 -17.32
CA MET A 3 -15.66 -4.11 -16.54
C MET A 3 -15.95 -3.48 -15.18
N GLY A 4 -16.78 -4.15 -14.39
CA GLY A 4 -17.16 -3.64 -13.07
C GLY A 4 -15.94 -3.47 -12.17
N SER A 5 -16.07 -2.59 -11.18
CA SER A 5 -14.98 -2.34 -10.24
C SER A 5 -15.45 -1.43 -9.09
N CYS A 6 -15.51 -0.12 -9.36
CA CYS A 6 -15.97 0.83 -8.34
C CYS A 6 -17.49 0.85 -8.30
N ARG A 7 -18.10 1.47 -9.33
CA ARG A 7 -19.56 1.50 -9.52
C ARG A 7 -20.00 2.78 -10.25
N PRO A 8 -19.58 3.97 -9.85
CA PRO A 8 -20.00 5.22 -10.54
C PRO A 8 -18.93 5.72 -11.53
N PRO A 9 -19.12 5.60 -12.82
CA PRO A 9 -18.11 6.09 -13.80
C PRO A 9 -17.87 7.59 -13.63
N MET A 10 -16.59 8.00 -13.67
CA MET A 10 -16.23 9.40 -13.54
C MET A 10 -15.46 9.83 -14.78
N VAL A 11 -14.34 9.17 -15.02
CA VAL A 11 -13.49 9.48 -16.18
C VAL A 11 -13.13 8.18 -16.90
N LYS A 12 -12.96 8.26 -18.22
CA LYS A 12 -12.56 7.08 -18.98
C LYS A 12 -11.06 6.86 -18.80
N LEU A 13 -10.71 6.08 -17.78
CA LEU A 13 -9.32 5.75 -17.49
C LEU A 13 -9.00 4.39 -18.10
N VAL A 14 -8.49 4.39 -19.33
CA VAL A 14 -8.15 3.15 -20.02
C VAL A 14 -6.74 3.21 -20.60
N CYS A 15 -5.78 2.70 -19.81
CA CYS A 15 -4.38 2.67 -20.21
C CYS A 15 -4.25 2.09 -21.63
N PRO A 16 -3.16 2.34 -22.31
CA PRO A 16 -2.95 1.81 -23.68
C PRO A 16 -3.37 0.35 -23.78
N ALA A 17 -3.79 -0.05 -24.97
CA ALA A 17 -4.23 -1.42 -25.19
C ALA A 17 -3.04 -2.36 -25.30
N ASP A 18 -2.01 -1.95 -26.06
CA ASP A 18 -0.82 -2.79 -26.26
C ASP A 18 0.42 -2.16 -25.60
N ASN A 19 0.19 -1.37 -24.55
CA ASN A 19 1.28 -0.74 -23.78
C ASN A 19 2.34 -0.07 -24.67
N LEU A 20 1.91 0.82 -25.59
CA LEU A 20 2.86 1.55 -26.45
C LEU A 20 2.81 3.06 -26.21
N ARG A 21 1.76 3.53 -25.51
CA ARG A 21 1.67 4.95 -25.17
C ARG A 21 2.21 5.19 -23.76
N ALA A 22 2.71 4.13 -23.15
CA ALA A 22 3.32 4.24 -21.83
C ALA A 22 4.18 3.02 -21.52
N GLU A 23 5.17 3.21 -20.65
CA GLU A 23 6.06 2.10 -20.29
C GLU A 23 6.70 2.34 -18.93
N GLY A 24 5.93 2.92 -18.00
CA GLY A 24 6.45 3.21 -16.66
C GLY A 24 5.54 2.66 -15.57
N LEU A 25 4.24 2.57 -15.85
CA LEU A 25 3.29 2.09 -14.85
C LEU A 25 3.35 0.57 -14.76
N GLU A 26 3.85 0.06 -13.62
CA GLU A 26 3.93 -1.38 -13.41
C GLU A 26 3.22 -1.77 -12.12
N CYS A 27 2.07 -2.43 -12.25
CA CYS A 27 1.29 -2.85 -11.08
C CYS A 27 0.87 -1.66 -10.25
N THR A 28 -0.36 -1.70 -9.74
CA THR A 28 -0.87 -0.63 -8.89
C THR A 28 0.11 -0.44 -7.72
N LYS A 29 0.01 0.67 -6.99
CA LYS A 29 0.92 0.90 -5.87
C LYS A 29 0.24 0.57 -4.54
N THR A 30 0.97 -0.11 -3.67
CA THR A 30 0.46 -0.43 -2.35
C THR A 30 1.65 -0.59 -1.40
N CYS A 31 1.48 -0.23 -0.13
CA CYS A 31 2.58 -0.29 0.83
C CYS A 31 2.85 -1.73 1.25
N GLN A 32 1.90 -2.63 1.09
CA GLN A 32 2.09 -4.00 1.55
C GLN A 32 3.10 -4.74 0.67
N ASN A 33 2.76 -4.85 -0.63
CA ASN A 33 3.56 -5.64 -1.56
C ASN A 33 4.42 -4.73 -2.48
N TYR A 34 4.52 -3.45 -2.13
CA TYR A 34 5.25 -2.48 -2.95
C TYR A 34 6.43 -3.10 -3.69
N ASP A 35 7.31 -3.79 -2.97
CA ASP A 35 8.51 -4.41 -3.57
C ASP A 35 8.37 -5.92 -3.64
N LEU A 36 7.16 -6.42 -3.95
CA LEU A 36 6.95 -7.88 -4.06
C LEU A 36 6.80 -8.26 -5.54
N GLU A 37 7.32 -9.43 -5.89
CA GLU A 37 7.30 -9.88 -7.29
C GLU A 37 5.95 -9.58 -7.95
N CYS A 38 6.00 -9.08 -9.19
CA CYS A 38 4.80 -8.74 -9.95
C CYS A 38 4.84 -9.41 -11.33
N MET A 39 3.72 -9.98 -11.75
CA MET A 39 3.64 -10.63 -13.05
C MET A 39 3.17 -9.64 -14.11
N SER A 40 1.87 -9.68 -14.40
CA SER A 40 1.28 -8.79 -15.39
C SER A 40 -0.21 -8.61 -15.10
N MET A 41 -0.69 -7.36 -15.15
CA MET A 41 -2.11 -7.08 -14.91
C MET A 41 -2.69 -6.32 -16.10
N GLY A 42 -3.65 -6.96 -16.76
CA GLY A 42 -4.28 -6.36 -17.93
C GLY A 42 -4.90 -5.02 -17.60
N CYS A 43 -5.10 -4.19 -18.62
CA CYS A 43 -5.68 -2.86 -18.42
C CYS A 43 -7.10 -2.98 -17.85
N VAL A 44 -7.31 -2.38 -16.68
CA VAL A 44 -8.60 -2.40 -16.02
C VAL A 44 -9.03 -0.99 -15.65
N SER A 45 -10.27 -0.65 -15.96
CA SER A 45 -10.81 0.66 -15.63
C SER A 45 -11.39 0.64 -14.22
N GLY A 46 -11.00 1.61 -13.41
CA GLY A 46 -11.47 1.67 -12.03
C GLY A 46 -11.08 2.98 -11.36
N CYS A 47 -11.32 3.07 -10.05
CA CYS A 47 -11.01 4.26 -9.27
C CYS A 47 -9.70 4.06 -8.52
N LEU A 48 -8.77 4.98 -8.72
CA LEU A 48 -7.48 4.92 -8.04
C LEU A 48 -6.92 6.32 -7.90
N CYS A 49 -6.62 6.70 -6.66
CA CYS A 49 -6.14 8.04 -6.35
C CYS A 49 -5.21 8.57 -7.46
N PRO A 50 -5.37 9.80 -7.92
CA PRO A 50 -4.51 10.35 -9.00
C PRO A 50 -3.01 10.03 -8.80
N PRO A 51 -2.26 9.78 -9.85
CA PRO A 51 -0.80 9.49 -9.72
C PRO A 51 -0.09 10.48 -8.78
N GLY A 52 -0.06 10.13 -7.49
CA GLY A 52 0.59 10.98 -6.49
C GLY A 52 0.30 10.43 -5.10
N MET A 53 -0.75 9.63 -5.00
CA MET A 53 -1.10 8.99 -3.73
C MET A 53 -1.23 7.48 -3.95
N VAL A 54 -1.68 6.77 -2.91
CA VAL A 54 -1.81 5.32 -3.01
C VAL A 54 -3.14 4.85 -2.41
N ARG A 55 -3.79 3.88 -3.06
CA ARG A 55 -5.07 3.36 -2.56
C ARG A 55 -4.83 2.19 -1.60
N HIS A 56 -5.57 2.15 -0.50
CA HIS A 56 -5.45 1.04 0.45
C HIS A 56 -6.69 0.94 1.32
N GLU A 57 -6.87 -0.21 1.95
CA GLU A 57 -8.02 -0.47 2.82
C GLU A 57 -9.29 0.25 2.32
N ASN A 58 -9.53 0.20 1.00
CA ASN A 58 -10.71 0.85 0.40
C ASN A 58 -10.61 2.37 0.42
N ARG A 59 -9.78 2.90 1.32
CA ARG A 59 -9.57 4.35 1.42
C ARG A 59 -8.23 4.70 0.76
N CYS A 60 -7.85 5.98 0.80
CA CYS A 60 -6.58 6.41 0.18
C CYS A 60 -5.60 6.95 1.23
N VAL A 61 -4.43 6.31 1.33
CA VAL A 61 -3.38 6.76 2.25
C VAL A 61 -2.01 6.75 1.54
N ALA A 62 -1.04 7.48 2.09
CA ALA A 62 0.33 7.50 1.56
C ALA A 62 1.19 6.45 2.28
N LEU A 63 2.30 6.05 1.65
CA LEU A 63 3.17 5.01 2.23
C LEU A 63 3.73 5.44 3.60
N GLU A 64 4.16 6.68 3.71
CA GLU A 64 4.77 7.14 4.96
C GLU A 64 3.80 7.00 6.13
N ARG A 65 2.51 6.83 5.83
CA ARG A 65 1.48 6.73 6.85
C ARG A 65 0.77 5.38 6.81
N CYS A 66 1.41 4.39 6.21
CA CYS A 66 0.79 3.06 6.10
C CYS A 66 0.85 2.33 7.46
N PRO A 67 -0.27 2.05 8.12
CA PRO A 67 -0.23 1.35 9.44
C PRO A 67 0.72 0.16 9.44
N CYS A 68 1.37 -0.04 10.59
CA CYS A 68 2.33 -1.13 10.75
C CYS A 68 1.59 -2.46 10.96
N PHE A 69 2.13 -3.55 10.42
CA PHE A 69 1.47 -4.87 10.53
C PHE A 69 2.19 -5.75 11.55
N HIS A 70 1.41 -6.48 12.36
CA HIS A 70 2.02 -7.36 13.37
C HIS A 70 1.09 -8.52 13.75
N GLN A 71 1.43 -9.71 13.26
CA GLN A 71 0.70 -10.94 13.59
C GLN A 71 -0.82 -10.74 13.57
N GLY A 72 -1.39 -10.67 12.37
CA GLY A 72 -2.85 -10.58 12.22
C GLY A 72 -3.41 -9.20 12.58
N LYS A 73 -2.69 -8.44 13.39
CA LYS A 73 -3.16 -7.11 13.82
C LYS A 73 -2.14 -6.03 13.42
N GLU A 74 -2.65 -4.82 13.22
CA GLU A 74 -1.80 -3.69 12.81
C GLU A 74 -1.71 -2.66 13.93
N TYR A 75 -0.50 -2.16 14.15
CA TYR A 75 -0.26 -1.16 15.20
C TYR A 75 0.14 0.17 14.59
N ALA A 76 -0.62 1.20 14.93
CA ALA A 76 -0.37 2.55 14.44
C ALA A 76 1.09 2.92 14.70
N PRO A 77 1.55 4.02 14.16
CA PRO A 77 2.95 4.48 14.35
C PRO A 77 3.18 5.08 15.74
N GLY A 78 4.45 5.10 16.16
CA GLY A 78 4.80 5.63 17.47
C GLY A 78 4.31 4.70 18.59
N GLU A 79 3.45 3.75 18.23
CA GLU A 79 2.94 2.80 19.21
C GLU A 79 4.08 2.04 19.86
N THR A 80 4.01 1.90 21.19
CA THR A 80 5.05 1.22 21.96
C THR A 80 4.47 0.02 22.70
N VAL A 81 5.27 -1.04 22.76
CA VAL A 81 4.89 -2.26 23.46
C VAL A 81 6.13 -3.10 23.72
N LYS A 82 6.10 -3.90 24.78
CA LYS A 82 7.26 -4.73 25.15
C LYS A 82 7.07 -6.17 24.70
N ILE A 83 7.81 -6.58 23.68
CA ILE A 83 7.76 -7.96 23.18
C ILE A 83 9.17 -8.53 23.18
N GLY A 84 9.33 -9.71 23.77
CA GLY A 84 10.64 -10.33 23.86
C GLY A 84 11.51 -9.57 24.87
N CYS A 85 12.80 -9.41 24.55
CA CYS A 85 13.72 -8.67 25.44
C CYS A 85 13.96 -7.26 24.91
N ASN A 86 13.45 -6.98 23.72
CA ASN A 86 13.62 -5.67 23.10
C ASN A 86 12.28 -5.06 22.72
N THR A 87 12.17 -3.74 22.89
CA THR A 87 10.98 -3.00 22.51
C THR A 87 11.22 -2.36 21.15
N CYS A 88 10.24 -2.48 20.25
CA CYS A 88 10.37 -1.95 18.90
C CYS A 88 9.18 -1.10 18.50
N VAL A 89 9.44 -0.09 17.65
CA VAL A 89 8.39 0.82 17.19
C VAL A 89 8.52 1.05 15.69
N CYS A 90 7.38 0.97 14.98
CA CYS A 90 7.37 1.17 13.54
C CYS A 90 7.40 2.65 13.19
N ARG A 91 8.32 2.97 12.30
CA ARG A 91 8.50 4.32 11.80
C ARG A 91 8.87 4.20 10.33
N ASP A 92 7.87 4.38 9.47
CA ASP A 92 8.04 4.27 8.03
C ASP A 92 8.01 2.82 7.58
N ARG A 93 7.03 2.08 8.09
CA ARG A 93 6.83 0.68 7.71
C ARG A 93 8.03 -0.19 8.11
N LYS A 94 8.84 0.28 9.08
CA LYS A 94 9.99 -0.50 9.53
C LYS A 94 10.14 -0.35 11.02
N TRP A 95 10.45 -1.46 11.69
CA TRP A 95 10.61 -1.46 13.14
C TRP A 95 12.00 -0.95 13.50
N ASN A 96 12.07 -0.21 14.62
CA ASN A 96 13.34 0.32 15.11
C ASN A 96 13.48 0.01 16.60
N CYS A 97 14.24 -1.06 16.89
CA CYS A 97 14.41 -1.51 18.27
C CYS A 97 15.55 -0.77 18.96
N THR A 98 15.27 -0.34 20.19
CA THR A 98 16.22 0.44 20.98
C THR A 98 17.56 -0.27 21.19
N ASP A 99 17.61 -1.52 20.85
CA ASP A 99 18.84 -2.28 21.01
C ASP A 99 19.20 -2.49 22.49
N HIS A 100 18.20 -2.51 23.37
CA HIS A 100 18.45 -2.78 24.79
C HIS A 100 18.64 -4.28 24.98
N VAL A 101 19.45 -4.67 25.98
CA VAL A 101 19.71 -6.09 26.25
C VAL A 101 19.07 -6.48 27.57
N CYS A 102 18.40 -7.65 27.59
CA CYS A 102 17.70 -8.16 28.78
C CYS A 102 18.20 -7.52 30.07
N ASP A 103 19.14 -8.19 30.76
CA ASP A 103 19.67 -7.67 32.02
C ASP A 103 18.54 -7.41 33.01
N GLY A 1 -14.65 -5.29 -11.75
CA GLY A 1 -13.21 -5.44 -11.38
C GLY A 1 -13.09 -5.46 -9.85
N ALA A 2 -13.84 -6.36 -9.23
CA ALA A 2 -13.85 -6.51 -7.76
C ALA A 2 -14.47 -5.28 -7.09
N MET A 3 -15.49 -5.54 -6.26
CA MET A 3 -16.22 -4.48 -5.56
C MET A 3 -15.31 -3.29 -5.24
N GLY A 4 -15.20 -2.36 -6.20
CA GLY A 4 -14.37 -1.17 -6.03
C GLY A 4 -15.22 0.09 -6.10
N SER A 5 -16.36 0.08 -5.41
CA SER A 5 -17.27 1.23 -5.44
C SER A 5 -17.42 1.73 -6.88
N CYS A 6 -16.84 2.91 -7.16
CA CYS A 6 -16.85 3.53 -8.49
C CYS A 6 -17.90 2.91 -9.42
N ARG A 7 -18.98 3.66 -9.68
CA ARG A 7 -20.04 3.18 -10.57
C ARG A 7 -20.21 4.08 -11.81
N PRO A 8 -20.15 5.38 -11.70
CA PRO A 8 -20.31 6.29 -12.86
C PRO A 8 -18.94 6.70 -13.44
N PRO A 9 -18.80 6.89 -14.74
CA PRO A 9 -17.48 7.30 -15.33
C PRO A 9 -17.11 8.71 -14.89
N MET A 10 -15.82 8.94 -14.56
CA MET A 10 -15.37 10.30 -14.19
C MET A 10 -14.07 10.61 -14.93
N VAL A 11 -13.05 9.80 -14.67
CA VAL A 11 -11.74 9.97 -15.31
C VAL A 11 -11.59 9.01 -16.47
N LYS A 12 -11.94 9.47 -17.67
CA LYS A 12 -11.89 8.62 -18.86
C LYS A 12 -10.45 8.21 -19.17
N LEU A 13 -10.03 7.07 -18.62
CA LEU A 13 -8.71 6.51 -18.91
C LEU A 13 -8.88 5.20 -19.65
N VAL A 14 -8.62 5.23 -20.96
CA VAL A 14 -8.77 4.04 -21.80
C VAL A 14 -7.46 3.25 -21.85
N CYS A 15 -7.51 2.02 -21.38
CA CYS A 15 -6.31 1.17 -21.35
C CYS A 15 -5.75 1.01 -22.77
N PRO A 16 -4.45 1.11 -22.99
CA PRO A 16 -3.88 0.93 -24.37
C PRO A 16 -4.28 -0.43 -24.95
N ALA A 17 -4.86 -0.42 -26.16
CA ALA A 17 -5.29 -1.67 -26.80
C ALA A 17 -4.12 -2.42 -27.40
N ASP A 18 -3.39 -1.76 -28.30
CA ASP A 18 -2.25 -2.40 -28.96
C ASP A 18 -1.00 -2.36 -28.07
N ASN A 19 -1.16 -1.82 -26.86
CA ASN A 19 -0.06 -1.79 -25.88
C ASN A 19 1.17 -1.04 -26.42
N LEU A 20 0.94 0.07 -27.11
CA LEU A 20 2.06 0.88 -27.62
C LEU A 20 2.50 1.87 -26.53
N ARG A 21 1.56 2.23 -25.67
CA ARG A 21 1.79 3.24 -24.63
C ARG A 21 2.15 2.62 -23.29
N ALA A 22 3.04 1.61 -23.33
CA ALA A 22 3.47 0.91 -22.11
C ALA A 22 3.41 1.82 -20.88
N GLU A 23 2.79 1.35 -19.82
CA GLU A 23 2.64 2.15 -18.61
C GLU A 23 3.97 2.29 -17.88
N GLY A 24 4.69 1.18 -17.74
CA GLY A 24 6.00 1.17 -17.06
C GLY A 24 5.95 0.26 -15.83
N LEU A 25 4.97 0.48 -14.97
CA LEU A 25 4.84 -0.34 -13.76
C LEU A 25 4.27 -1.70 -14.13
N GLU A 26 4.70 -2.72 -13.41
CA GLU A 26 4.24 -4.08 -13.68
C GLU A 26 2.78 -4.25 -13.24
N CYS A 27 2.22 -3.19 -12.65
CA CYS A 27 0.83 -3.19 -12.17
C CYS A 27 0.61 -2.04 -11.20
N THR A 28 -0.63 -1.88 -10.74
CA THR A 28 -0.95 -0.84 -9.77
C THR A 28 -0.04 -0.99 -8.55
N LYS A 29 -0.14 -0.07 -7.58
CA LYS A 29 0.69 -0.13 -6.37
C LYS A 29 -0.16 -0.42 -5.12
N THR A 30 -0.03 -1.64 -4.60
CA THR A 30 -0.74 -2.00 -3.37
C THR A 30 0.21 -1.77 -2.18
N CYS A 31 -0.33 -1.29 -1.07
CA CYS A 31 0.49 -1.01 0.11
C CYS A 31 1.57 -2.08 0.34
N GLN A 32 1.32 -3.33 -0.08
CA GLN A 32 2.28 -4.42 0.20
C GLN A 32 3.16 -4.82 -1.00
N ASN A 33 3.06 -4.11 -2.12
CA ASN A 33 3.88 -4.48 -3.30
C ASN A 33 5.10 -3.58 -3.42
N TYR A 34 5.18 -2.54 -2.59
CA TYR A 34 6.30 -1.62 -2.67
C TYR A 34 7.60 -2.38 -2.83
N ASP A 35 7.83 -3.41 -2.01
CA ASP A 35 9.02 -4.23 -2.13
C ASP A 35 8.63 -5.67 -2.50
N LEU A 36 7.32 -5.93 -2.66
CA LEU A 36 6.85 -7.27 -3.00
C LEU A 36 6.20 -7.27 -4.39
N GLU A 37 6.31 -8.39 -5.09
CA GLU A 37 5.77 -8.50 -6.44
C GLU A 37 4.25 -8.66 -6.41
N CYS A 38 3.58 -7.98 -7.33
CA CYS A 38 2.12 -8.08 -7.45
C CYS A 38 1.73 -9.27 -8.32
N MET A 39 0.45 -9.58 -8.37
CA MET A 39 0.00 -10.69 -9.21
C MET A 39 0.21 -10.31 -10.68
N SER A 40 -0.88 -10.12 -11.41
CA SER A 40 -0.81 -9.76 -12.84
C SER A 40 -1.27 -8.33 -13.10
N MET A 41 -2.59 -8.13 -13.11
CA MET A 41 -3.18 -6.81 -13.35
C MET A 41 -2.37 -6.01 -14.37
N GLY A 42 -2.63 -6.28 -15.66
CA GLY A 42 -1.92 -5.60 -16.75
C GLY A 42 -2.82 -4.57 -17.46
N CYS A 43 -3.24 -3.55 -16.72
CA CYS A 43 -4.11 -2.50 -17.27
C CYS A 43 -5.59 -2.88 -17.08
N VAL A 44 -6.16 -2.48 -15.94
CA VAL A 44 -7.56 -2.77 -15.64
C VAL A 44 -8.31 -1.47 -15.34
N SER A 45 -9.25 -1.11 -16.21
CA SER A 45 -10.00 0.14 -16.07
C SER A 45 -10.65 0.20 -14.70
N GLY A 46 -10.73 1.41 -14.13
CA GLY A 46 -11.32 1.59 -12.81
C GLY A 46 -10.72 2.80 -12.13
N CYS A 47 -11.05 3.00 -10.86
CA CYS A 47 -10.51 4.12 -10.11
C CYS A 47 -9.08 3.82 -9.67
N LEU A 48 -8.19 4.77 -9.90
CA LEU A 48 -6.79 4.62 -9.48
C LEU A 48 -6.25 5.96 -9.01
N CYS A 49 -5.90 6.02 -7.71
CA CYS A 49 -5.41 7.27 -7.12
C CYS A 49 -4.29 7.85 -8.00
N PRO A 50 -4.24 9.16 -8.22
CA PRO A 50 -3.18 9.77 -9.09
C PRO A 50 -1.78 9.19 -8.79
N PRO A 51 -0.87 9.16 -9.75
CA PRO A 51 0.51 8.63 -9.51
C PRO A 51 1.18 9.32 -8.30
N GLY A 52 1.93 8.54 -7.53
CA GLY A 52 2.60 9.05 -6.33
C GLY A 52 1.72 8.88 -5.10
N MET A 53 0.53 8.34 -5.34
CA MET A 53 -0.43 8.08 -4.25
C MET A 53 -0.90 6.63 -4.34
N VAL A 54 -1.47 6.13 -3.24
CA VAL A 54 -1.94 4.73 -3.19
C VAL A 54 -3.36 4.66 -2.62
N ARG A 55 -4.17 3.80 -3.24
CA ARG A 55 -5.57 3.61 -2.81
C ARG A 55 -5.63 2.84 -1.49
N HIS A 56 -6.46 3.30 -0.55
CA HIS A 56 -6.64 2.59 0.71
C HIS A 56 -8.05 2.85 1.25
N GLU A 57 -8.63 1.87 1.94
CA GLU A 57 -9.98 2.02 2.47
C GLU A 57 -10.94 2.46 1.35
N ASN A 58 -10.53 2.18 0.11
CA ASN A 58 -11.33 2.52 -1.07
C ASN A 58 -11.35 4.03 -1.31
N ARG A 59 -10.35 4.74 -0.76
CA ARG A 59 -10.22 6.19 -0.94
C ARG A 59 -8.76 6.55 -1.12
N CYS A 60 -8.45 7.84 -1.25
CA CYS A 60 -7.06 8.28 -1.47
C CYS A 60 -6.45 8.89 -0.21
N VAL A 61 -5.40 8.24 0.32
CA VAL A 61 -4.67 8.74 1.49
C VAL A 61 -3.16 8.57 1.30
N ALA A 62 -2.40 9.23 2.16
CA ALA A 62 -0.95 9.11 2.13
C ALA A 62 -0.53 7.75 2.70
N LEU A 63 0.02 6.89 1.84
CA LEU A 63 0.42 5.54 2.24
C LEU A 63 0.94 5.49 3.67
N GLU A 64 1.52 6.58 4.14
CA GLU A 64 2.08 6.60 5.49
C GLU A 64 1.06 6.08 6.51
N ARG A 65 -0.21 6.09 6.12
CA ARG A 65 -1.26 5.64 7.03
C ARG A 65 -1.25 4.11 7.19
N CYS A 66 -0.67 3.41 6.22
CA CYS A 66 -0.63 1.94 6.29
C CYS A 66 0.07 1.52 7.60
N PRO A 67 -0.54 0.70 8.44
CA PRO A 67 0.09 0.25 9.72
C PRO A 67 1.20 -0.78 9.49
N CYS A 68 1.66 -1.39 10.60
CA CYS A 68 2.71 -2.40 10.55
C CYS A 68 2.20 -3.69 11.18
N PHE A 69 2.52 -4.83 10.56
CA PHE A 69 2.09 -6.13 11.08
C PHE A 69 3.23 -6.81 11.84
N HIS A 70 2.97 -7.07 13.12
CA HIS A 70 3.97 -7.71 13.98
C HIS A 70 3.27 -8.53 15.07
N GLN A 71 3.84 -9.70 15.37
CA GLN A 71 3.28 -10.57 16.39
C GLN A 71 1.90 -11.08 15.97
N GLY A 72 1.54 -10.86 14.72
CA GLY A 72 0.25 -11.32 14.21
C GLY A 72 -0.91 -10.49 14.73
N LYS A 73 -0.61 -9.32 15.31
CA LYS A 73 -1.66 -8.44 15.85
C LYS A 73 -1.54 -7.06 15.21
N GLU A 74 -2.69 -6.42 14.99
CA GLU A 74 -2.71 -5.09 14.37
C GLU A 74 -2.35 -4.01 15.39
N TYR A 75 -1.14 -3.47 15.25
CA TYR A 75 -0.66 -2.41 16.16
C TYR A 75 -0.65 -1.06 15.43
N ALA A 76 -0.93 -0.01 16.18
CA ALA A 76 -0.95 1.34 15.60
C ALA A 76 0.50 1.79 15.33
N PRO A 77 0.68 2.70 14.41
CA PRO A 77 2.05 3.19 14.09
C PRO A 77 2.68 3.98 15.25
N GLY A 78 4.00 3.84 15.43
CA GLY A 78 4.70 4.56 16.49
C GLY A 78 4.47 3.90 17.85
N GLU A 79 3.36 3.20 18.02
CA GLU A 79 3.10 2.55 19.31
C GLU A 79 4.35 1.79 19.76
N THR A 80 4.34 1.34 21.01
CA THR A 80 5.50 0.64 21.58
C THR A 80 5.24 -0.86 21.72
N VAL A 81 6.15 -1.65 21.16
CA VAL A 81 6.07 -3.11 21.28
C VAL A 81 7.29 -3.57 22.07
N LYS A 82 7.07 -4.42 23.06
CA LYS A 82 8.16 -4.88 23.92
C LYS A 82 8.07 -6.38 24.17
N ILE A 83 9.09 -7.11 23.70
CA ILE A 83 9.16 -8.56 23.91
C ILE A 83 10.46 -8.89 24.63
N GLY A 84 10.34 -9.41 25.85
CA GLY A 84 11.51 -9.78 26.64
C GLY A 84 12.18 -8.54 27.25
N CYS A 85 13.36 -8.18 26.72
CA CYS A 85 14.11 -7.03 27.23
C CYS A 85 14.22 -5.96 26.14
N ASN A 86 14.27 -6.39 24.90
CA ASN A 86 14.36 -5.46 23.79
C ASN A 86 12.99 -4.84 23.51
N THR A 87 13.01 -3.63 22.94
CA THR A 87 11.79 -2.91 22.60
C THR A 87 11.89 -2.34 21.19
N CYS A 88 10.73 -2.20 20.54
CA CYS A 88 10.69 -1.67 19.17
C CYS A 88 9.48 -0.76 19.00
N VAL A 89 9.57 0.16 18.04
CA VAL A 89 8.48 1.11 17.75
C VAL A 89 8.22 1.17 16.24
N CYS A 90 6.98 1.50 15.87
CA CYS A 90 6.60 1.61 14.45
C CYS A 90 6.80 3.05 13.95
N ARG A 91 7.92 3.26 13.32
CA ARG A 91 8.26 4.56 12.74
C ARG A 91 8.70 4.37 11.29
N ASP A 92 8.20 5.23 10.41
CA ASP A 92 8.56 5.17 9.00
C ASP A 92 8.13 3.85 8.37
N ARG A 93 6.99 3.33 8.81
CA ARG A 93 6.46 2.08 8.25
C ARG A 93 7.46 0.92 8.39
N LYS A 94 8.70 1.22 8.77
CA LYS A 94 9.73 0.18 8.94
C LYS A 94 9.85 -0.19 10.41
N TRP A 95 10.27 -1.43 10.67
CA TRP A 95 10.48 -1.90 12.03
C TRP A 95 11.94 -1.69 12.40
N ASN A 96 12.18 -0.91 13.46
CA ASN A 96 13.53 -0.67 13.92
C ASN A 96 13.60 -0.84 15.44
N CYS A 97 14.06 -1.99 15.90
CA CYS A 97 14.12 -2.22 17.33
C CYS A 97 15.17 -1.32 17.96
N THR A 98 14.81 -0.70 19.08
CA THR A 98 15.68 0.31 19.69
C THR A 98 17.12 -0.15 19.88
N ASP A 99 17.37 -1.28 20.52
CA ASP A 99 18.75 -1.74 20.71
C ASP A 99 19.42 -0.95 21.83
N HIS A 100 18.61 -0.33 22.68
CA HIS A 100 19.14 0.40 23.84
C HIS A 100 19.27 -0.60 25.00
N VAL A 101 20.50 -0.79 25.48
CA VAL A 101 20.80 -1.74 26.55
C VAL A 101 19.58 -2.08 27.43
N CYS A 102 18.88 -3.15 27.04
CA CYS A 102 17.72 -3.62 27.82
C CYS A 102 16.86 -2.44 28.27
N ASP A 103 15.89 -2.73 29.13
CA ASP A 103 15.00 -1.70 29.64
C ASP A 103 15.75 -0.77 30.59
N GLY A 1 -26.33 0.34 -13.51
CA GLY A 1 -26.17 1.10 -14.78
C GLY A 1 -24.74 0.98 -15.28
N ALA A 2 -24.57 0.27 -16.38
CA ALA A 2 -23.24 0.08 -16.96
C ALA A 2 -22.23 -0.29 -15.88
N MET A 3 -22.29 -1.55 -15.41
CA MET A 3 -21.39 -2.06 -14.37
C MET A 3 -20.97 -0.94 -13.39
N GLY A 4 -19.99 -0.14 -13.79
CA GLY A 4 -19.53 0.97 -12.97
C GLY A 4 -19.25 0.52 -11.54
N SER A 5 -18.06 -0.04 -11.33
CA SER A 5 -17.68 -0.52 -10.00
C SER A 5 -17.22 0.65 -9.14
N CYS A 6 -16.85 1.76 -9.79
CA CYS A 6 -16.37 2.95 -9.06
C CYS A 6 -17.45 4.03 -8.99
N ARG A 7 -18.49 3.79 -8.20
CA ARG A 7 -19.55 4.77 -8.07
C ARG A 7 -19.00 6.19 -7.88
N PRO A 8 -18.08 6.43 -6.94
CA PRO A 8 -17.50 7.81 -6.74
C PRO A 8 -16.59 8.20 -7.92
N PRO A 9 -16.99 9.12 -8.79
CA PRO A 9 -16.15 9.52 -9.94
C PRO A 9 -15.17 10.66 -9.60
N MET A 10 -13.87 10.40 -9.70
CA MET A 10 -12.85 11.43 -9.47
C MET A 10 -11.88 11.45 -10.63
N VAL A 11 -11.18 10.33 -10.82
CA VAL A 11 -10.24 10.17 -11.92
C VAL A 11 -10.59 8.90 -12.67
N LYS A 12 -10.87 9.04 -13.96
CA LYS A 12 -11.26 7.91 -14.80
C LYS A 12 -10.06 7.30 -15.50
N LEU A 13 -9.81 6.02 -15.23
CA LEU A 13 -8.70 5.29 -15.86
C LEU A 13 -9.25 4.19 -16.76
N VAL A 14 -8.83 4.21 -18.03
CA VAL A 14 -9.30 3.23 -19.02
C VAL A 14 -8.13 2.61 -19.76
N CYS A 15 -8.33 1.41 -20.28
CA CYS A 15 -7.26 0.68 -20.96
C CYS A 15 -6.91 1.40 -22.27
N PRO A 16 -5.65 1.38 -22.71
CA PRO A 16 -5.26 2.05 -23.99
C PRO A 16 -6.08 1.55 -25.18
N ALA A 17 -6.40 2.44 -26.11
CA ALA A 17 -7.16 2.05 -27.30
C ALA A 17 -6.22 1.70 -28.46
N ASP A 18 -5.18 2.51 -28.67
CA ASP A 18 -4.23 2.27 -29.75
C ASP A 18 -2.84 2.02 -29.18
N ASN A 19 -2.79 1.73 -27.89
CA ASN A 19 -1.54 1.43 -27.21
C ASN A 19 -0.50 2.54 -27.40
N LEU A 20 -0.84 3.60 -28.14
CA LEU A 20 0.11 4.71 -28.30
C LEU A 20 0.00 5.65 -27.10
N ARG A 21 -1.20 5.77 -26.57
CA ARG A 21 -1.45 6.69 -25.47
C ARG A 21 -0.88 6.13 -24.16
N ALA A 22 -0.98 4.82 -24.00
CA ALA A 22 -0.55 4.19 -22.76
C ALA A 22 -1.09 4.95 -21.55
N GLU A 23 -0.78 4.44 -20.36
CA GLU A 23 -1.24 5.06 -19.12
C GLU A 23 -0.05 5.32 -18.20
N GLY A 24 0.32 4.31 -17.41
CA GLY A 24 1.43 4.44 -16.48
C GLY A 24 2.01 3.08 -16.14
N LEU A 25 2.06 2.77 -14.85
CA LEU A 25 2.57 1.49 -14.38
C LEU A 25 1.57 0.37 -14.64
N GLU A 26 2.03 -0.87 -14.45
CA GLU A 26 1.17 -2.04 -14.66
C GLU A 26 0.97 -2.76 -13.33
N CYS A 27 1.39 -2.11 -12.25
CA CYS A 27 1.27 -2.68 -10.91
C CYS A 27 0.80 -1.62 -9.91
N THR A 28 -0.45 -1.77 -9.45
CA THR A 28 -1.01 -0.82 -8.48
C THR A 28 -0.08 -0.76 -7.27
N LYS A 29 -0.18 0.31 -6.47
CA LYS A 29 0.70 0.46 -5.32
C LYS A 29 0.00 -0.02 -4.04
N THR A 30 0.58 -1.03 -3.40
CA THR A 30 0.04 -1.58 -2.15
C THR A 30 1.18 -1.75 -1.14
N CYS A 31 0.83 -1.82 0.15
CA CYS A 31 1.84 -1.95 1.20
C CYS A 31 2.27 -3.40 1.41
N GLN A 32 1.39 -4.36 1.15
CA GLN A 32 1.69 -5.75 1.44
C GLN A 32 2.86 -6.29 0.60
N ASN A 33 2.97 -5.80 -0.64
CA ASN A 33 4.00 -6.27 -1.57
C ASN A 33 4.87 -5.11 -2.06
N TYR A 34 4.80 -3.97 -1.36
CA TYR A 34 5.56 -2.81 -1.76
C TYR A 34 7.01 -3.17 -2.06
N ASP A 35 7.62 -3.95 -1.17
CA ASP A 35 9.02 -4.37 -1.36
C ASP A 35 9.07 -5.76 -1.98
N LEU A 36 7.97 -6.21 -2.61
CA LEU A 36 7.95 -7.54 -3.24
C LEU A 36 7.44 -7.43 -4.69
N GLU A 37 7.79 -8.41 -5.52
CA GLU A 37 7.42 -8.38 -6.94
C GLU A 37 5.90 -8.44 -7.15
N CYS A 38 5.42 -7.67 -8.13
CA CYS A 38 4.00 -7.68 -8.49
C CYS A 38 3.86 -8.22 -9.91
N MET A 39 2.83 -9.04 -10.15
CA MET A 39 2.64 -9.65 -11.46
C MET A 39 2.67 -8.61 -12.57
N SER A 40 1.54 -8.47 -13.28
CA SER A 40 1.41 -7.49 -14.36
C SER A 40 0.04 -7.66 -15.04
N MET A 41 0.04 -7.71 -16.38
CA MET A 41 -1.19 -7.84 -17.20
C MET A 41 -2.47 -7.79 -16.37
N GLY A 42 -3.10 -6.63 -16.37
CA GLY A 42 -4.37 -6.44 -15.65
C GLY A 42 -5.22 -5.40 -16.35
N CYS A 43 -5.02 -5.24 -17.65
CA CYS A 43 -5.78 -4.26 -18.43
C CYS A 43 -7.28 -4.36 -18.16
N VAL A 44 -7.73 -3.67 -17.12
CA VAL A 44 -9.14 -3.62 -16.74
C VAL A 44 -9.55 -2.16 -16.60
N SER A 45 -10.53 -1.76 -17.41
CA SER A 45 -11.02 -0.38 -17.37
C SER A 45 -11.49 -0.09 -15.96
N GLY A 46 -11.43 1.15 -15.53
CA GLY A 46 -11.72 1.42 -14.13
C GLY A 46 -11.54 2.88 -13.77
N CYS A 47 -11.39 3.10 -12.48
CA CYS A 47 -11.18 4.41 -11.89
C CYS A 47 -10.30 4.24 -10.64
N LEU A 48 -9.38 5.18 -10.39
CA LEU A 48 -8.53 5.08 -9.19
C LEU A 48 -7.97 6.45 -8.82
N CYS A 49 -7.51 6.59 -7.58
CA CYS A 49 -6.96 7.86 -7.12
C CYS A 49 -5.66 8.19 -7.87
N PRO A 50 -5.25 9.44 -7.85
CA PRO A 50 -4.01 9.89 -8.54
C PRO A 50 -2.88 8.84 -8.38
N PRO A 51 -2.36 8.27 -9.44
CA PRO A 51 -1.27 7.26 -9.33
C PRO A 51 -0.19 7.67 -8.33
N GLY A 52 -0.03 6.87 -7.26
CA GLY A 52 0.97 7.16 -6.23
C GLY A 52 0.38 7.02 -4.83
N MET A 53 -0.87 6.58 -4.76
CA MET A 53 -1.52 6.36 -3.46
C MET A 53 -1.98 4.91 -3.32
N VAL A 54 -2.21 4.46 -2.08
CA VAL A 54 -2.61 3.06 -1.82
C VAL A 54 -4.03 3.00 -1.24
N ARG A 55 -4.68 1.84 -1.41
CA ARG A 55 -6.03 1.64 -0.89
C ARG A 55 -5.99 1.37 0.62
N HIS A 56 -6.81 2.08 1.39
CA HIS A 56 -6.92 1.85 2.82
C HIS A 56 -8.35 2.14 3.29
N GLU A 57 -9.17 1.09 3.26
CA GLU A 57 -10.57 1.18 3.68
C GLU A 57 -11.43 1.86 2.60
N ASN A 58 -11.15 1.51 1.34
CA ASN A 58 -11.86 2.08 0.18
C ASN A 58 -11.62 3.58 0.03
N ARG A 59 -10.57 4.09 0.66
CA ARG A 59 -10.22 5.53 0.57
C ARG A 59 -8.74 5.67 0.24
N CYS A 60 -8.36 6.81 -0.33
CA CYS A 60 -6.98 7.03 -0.73
C CYS A 60 -6.17 7.62 0.42
N VAL A 61 -4.93 7.16 0.57
CA VAL A 61 -4.03 7.67 1.61
C VAL A 61 -2.64 7.93 1.05
N ALA A 62 -1.88 8.75 1.76
CA ALA A 62 -0.50 9.07 1.35
C ALA A 62 0.48 8.09 1.98
N LEU A 63 1.52 7.76 1.21
CA LEU A 63 2.52 6.76 1.63
C LEU A 63 2.77 6.82 3.15
N GLU A 64 3.25 7.95 3.63
CA GLU A 64 3.61 8.09 5.04
C GLU A 64 2.56 7.46 5.97
N ARG A 65 1.33 7.33 5.48
CA ARG A 65 0.25 6.79 6.29
C ARG A 65 0.25 5.26 6.30
N CYS A 66 1.04 4.64 5.42
CA CYS A 66 1.09 3.19 5.37
C CYS A 66 1.45 2.64 6.76
N PRO A 67 0.54 1.94 7.45
CA PRO A 67 0.82 1.42 8.83
C PRO A 67 1.88 0.32 8.86
N CYS A 68 2.45 0.11 10.05
CA CYS A 68 3.46 -0.92 10.27
C CYS A 68 2.76 -2.26 10.51
N PHE A 69 3.41 -3.35 10.11
CA PHE A 69 2.84 -4.70 10.27
C PHE A 69 3.70 -5.56 11.19
N HIS A 70 3.03 -6.26 12.13
CA HIS A 70 3.74 -7.14 13.07
C HIS A 70 3.20 -8.57 12.97
N GLN A 71 4.00 -9.44 12.39
CA GLN A 71 3.61 -10.85 12.23
C GLN A 71 2.11 -10.98 11.88
N GLY A 72 1.66 -10.21 10.89
CA GLY A 72 0.27 -10.31 10.40
C GLY A 72 -0.73 -9.44 11.16
N LYS A 73 -0.28 -8.31 11.71
CA LYS A 73 -1.20 -7.42 12.45
C LYS A 73 -0.96 -5.97 12.02
N GLU A 74 -2.01 -5.15 12.05
CA GLU A 74 -1.89 -3.75 11.64
C GLU A 74 -1.89 -2.85 12.87
N TYR A 75 -1.20 -1.71 12.79
CA TYR A 75 -1.13 -0.79 13.93
C TYR A 75 -1.20 0.66 13.45
N ALA A 76 -2.18 1.41 13.97
CA ALA A 76 -2.35 2.80 13.59
C ALA A 76 -0.98 3.51 13.61
N PRO A 77 -0.77 4.48 12.74
CA PRO A 77 0.52 5.22 12.69
C PRO A 77 0.82 5.98 13.98
N GLY A 78 1.77 5.46 14.76
CA GLY A 78 2.16 6.07 16.04
C GLY A 78 2.09 5.03 17.16
N GLU A 79 1.34 3.96 16.95
CA GLU A 79 1.23 2.91 17.95
C GLU A 79 2.48 2.03 17.92
N THR A 80 2.61 1.17 18.92
CA THR A 80 3.78 0.30 19.04
C THR A 80 3.44 -1.00 19.72
N VAL A 81 4.29 -2.00 19.51
CA VAL A 81 4.12 -3.32 20.13
C VAL A 81 5.27 -3.57 21.08
N LYS A 82 5.09 -4.54 21.98
CA LYS A 82 6.13 -4.88 22.94
C LYS A 82 6.35 -6.39 22.94
N ILE A 83 7.46 -6.82 22.35
CA ILE A 83 7.81 -8.24 22.26
C ILE A 83 8.79 -8.60 23.38
N GLY A 84 8.22 -8.87 24.56
CA GLY A 84 8.96 -9.27 25.76
C GLY A 84 10.45 -8.95 25.71
N CYS A 85 10.90 -8.16 26.69
CA CYS A 85 12.33 -7.85 26.83
C CYS A 85 12.76 -6.74 25.86
N ASN A 86 12.74 -7.04 24.57
CA ASN A 86 13.14 -6.04 23.57
C ASN A 86 12.03 -5.01 23.36
N THR A 87 12.44 -3.76 23.14
CA THR A 87 11.51 -2.66 22.86
C THR A 87 11.82 -2.11 21.48
N CYS A 88 10.80 -1.99 20.63
CA CYS A 88 10.98 -1.51 19.27
C CYS A 88 9.88 -0.53 18.86
N VAL A 89 10.18 0.29 17.87
CA VAL A 89 9.25 1.30 17.36
C VAL A 89 9.29 1.36 15.82
N CYS A 90 8.12 1.54 15.22
CA CYS A 90 8.00 1.63 13.76
C CYS A 90 8.57 2.91 13.21
N ARG A 91 9.53 2.76 12.31
CA ARG A 91 10.13 3.90 11.64
C ARG A 91 10.76 3.37 10.34
N ASP A 92 10.48 4.05 9.22
CA ASP A 92 10.95 3.58 7.93
C ASP A 92 10.27 2.27 7.58
N ARG A 93 9.00 2.16 7.96
CA ARG A 93 8.23 0.95 7.70
C ARG A 93 8.94 -0.27 8.30
N LYS A 94 9.67 -0.05 9.39
CA LYS A 94 10.43 -1.13 10.03
C LYS A 94 10.46 -0.93 11.54
N TRP A 95 10.67 -2.01 12.27
CA TRP A 95 10.79 -1.95 13.71
C TRP A 95 12.21 -1.54 14.08
N ASN A 96 12.42 -0.25 14.31
CA ASN A 96 13.74 0.27 14.66
C ASN A 96 13.91 0.22 16.18
N CYS A 97 14.71 -0.73 16.65
CA CYS A 97 14.88 -0.93 18.09
C CYS A 97 16.08 -0.16 18.65
N THR A 98 16.03 0.08 19.96
CA THR A 98 17.03 0.93 20.62
C THR A 98 18.47 0.49 20.33
N ASP A 99 18.83 -0.71 20.76
CA ASP A 99 20.18 -1.28 20.56
C ASP A 99 20.60 -2.07 21.80
N HIS A 100 19.64 -2.29 22.70
CA HIS A 100 19.92 -3.04 23.93
C HIS A 100 19.75 -4.53 23.66
N VAL A 101 20.45 -5.36 24.41
CA VAL A 101 20.34 -6.80 24.24
C VAL A 101 19.01 -7.31 24.79
N CYS A 102 18.98 -7.60 26.10
CA CYS A 102 17.77 -8.09 26.78
C CYS A 102 18.17 -8.92 28.00
N ASP A 103 18.34 -8.26 29.15
CA ASP A 103 18.72 -8.93 30.39
C ASP A 103 19.59 -10.16 30.13
N GLY A 1 -15.89 -10.41 -5.06
CA GLY A 1 -17.03 -10.51 -6.01
C GLY A 1 -18.00 -9.36 -5.78
N ALA A 2 -18.07 -8.90 -4.53
CA ALA A 2 -18.95 -7.80 -4.16
C ALA A 2 -18.27 -6.92 -3.10
N MET A 3 -17.37 -6.05 -3.55
CA MET A 3 -16.64 -5.15 -2.66
C MET A 3 -16.87 -3.70 -3.06
N GLY A 4 -17.02 -2.83 -2.08
CA GLY A 4 -17.26 -1.41 -2.34
C GLY A 4 -15.95 -0.62 -2.38
N SER A 5 -15.85 0.27 -3.35
CA SER A 5 -14.66 1.11 -3.51
C SER A 5 -15.03 2.37 -4.29
N CYS A 6 -14.17 3.40 -4.20
CA CYS A 6 -14.37 4.69 -4.88
C CYS A 6 -15.84 4.96 -5.23
N ARG A 7 -16.48 5.86 -4.48
CA ARG A 7 -17.87 6.20 -4.73
C ARG A 7 -18.00 7.39 -5.69
N PRO A 8 -17.21 8.43 -5.50
CA PRO A 8 -17.23 9.63 -6.37
C PRO A 8 -16.11 9.56 -7.43
N PRO A 9 -16.44 9.32 -8.69
CA PRO A 9 -15.41 9.26 -9.77
C PRO A 9 -15.11 10.66 -10.33
N MET A 10 -13.85 11.04 -10.39
CA MET A 10 -13.47 12.36 -10.89
C MET A 10 -13.22 12.31 -12.39
N VAL A 11 -12.24 11.49 -12.80
CA VAL A 11 -11.86 11.40 -14.21
C VAL A 11 -12.26 10.06 -14.79
N LYS A 12 -12.86 10.08 -15.97
CA LYS A 12 -13.26 8.85 -16.64
C LYS A 12 -12.08 8.22 -17.34
N LEU A 13 -11.56 7.12 -16.78
CA LEU A 13 -10.41 6.44 -17.38
C LEU A 13 -10.88 5.28 -18.26
N VAL A 14 -10.25 5.13 -19.43
CA VAL A 14 -10.64 4.07 -20.37
C VAL A 14 -9.39 3.35 -20.88
N CYS A 15 -9.60 2.11 -21.30
CA CYS A 15 -8.51 1.30 -21.85
C CYS A 15 -8.36 1.60 -23.35
N PRO A 16 -7.17 1.68 -23.87
CA PRO A 16 -6.96 1.98 -25.31
C PRO A 16 -7.34 0.81 -26.20
N ALA A 17 -7.63 1.09 -27.47
CA ALA A 17 -8.07 0.06 -28.39
C ALA A 17 -6.90 -0.75 -28.94
N ASP A 18 -6.00 -0.08 -29.65
CA ASP A 18 -4.82 -0.72 -30.20
C ASP A 18 -3.58 -0.08 -29.62
N ASN A 19 -3.63 0.18 -28.31
CA ASN A 19 -2.52 0.82 -27.62
C ASN A 19 -2.23 2.17 -28.26
N LEU A 20 -3.28 2.86 -28.67
CA LEU A 20 -3.14 4.17 -29.28
C LEU A 20 -2.61 5.16 -28.23
N ARG A 21 -2.88 4.86 -26.95
CA ARG A 21 -2.46 5.76 -25.86
C ARG A 21 -0.99 5.55 -25.50
N ALA A 22 -0.48 4.35 -25.75
CA ALA A 22 0.93 4.02 -25.44
C ALA A 22 1.38 4.72 -24.16
N GLU A 23 1.04 4.14 -23.00
CA GLU A 23 1.38 4.76 -21.70
C GLU A 23 2.11 3.77 -20.80
N GLY A 24 2.85 4.31 -19.83
CA GLY A 24 3.61 3.49 -18.90
C GLY A 24 2.80 3.17 -17.66
N LEU A 25 2.82 4.08 -16.69
CA LEU A 25 2.08 3.90 -15.44
C LEU A 25 2.46 2.57 -14.78
N GLU A 26 3.13 2.67 -13.64
CA GLU A 26 3.60 1.49 -12.92
C GLU A 26 2.43 0.55 -12.64
N CYS A 27 2.75 -0.69 -12.28
CA CYS A 27 1.72 -1.70 -12.02
C CYS A 27 0.96 -1.39 -10.72
N THR A 28 0.65 -0.11 -10.50
CA THR A 28 -0.05 0.30 -9.28
C THR A 28 0.64 -0.29 -8.05
N LYS A 29 1.01 0.57 -7.10
CA LYS A 29 1.71 0.11 -5.89
C LYS A 29 0.75 -0.01 -4.70
N THR A 30 0.95 -1.07 -3.92
CA THR A 30 0.18 -1.28 -2.70
C THR A 30 1.11 -1.25 -1.50
N CYS A 31 0.58 -0.95 -0.32
CA CYS A 31 1.41 -0.87 0.87
C CYS A 31 2.04 -2.21 1.20
N GLN A 32 1.30 -3.30 1.05
CA GLN A 32 1.83 -4.62 1.43
C GLN A 32 2.51 -5.33 0.27
N ASN A 33 2.11 -5.02 -0.97
CA ASN A 33 2.70 -5.70 -2.14
C ASN A 33 3.82 -4.86 -2.75
N TYR A 34 4.15 -3.73 -2.12
CA TYR A 34 5.16 -2.81 -2.66
C TYR A 34 6.31 -3.59 -3.31
N ASP A 35 7.08 -4.32 -2.51
CA ASP A 35 8.21 -5.10 -3.03
C ASP A 35 7.74 -6.46 -3.55
N LEU A 36 6.43 -6.64 -3.76
CA LEU A 36 5.92 -7.92 -4.25
C LEU A 36 5.39 -7.74 -5.67
N GLU A 37 5.88 -8.58 -6.58
CA GLU A 37 5.48 -8.49 -7.99
C GLU A 37 3.98 -8.69 -8.14
N CYS A 38 3.30 -7.66 -8.65
CA CYS A 38 1.84 -7.72 -8.85
C CYS A 38 1.50 -8.78 -9.89
N MET A 39 0.21 -8.93 -10.19
CA MET A 39 -0.22 -9.89 -11.20
C MET A 39 0.43 -9.51 -12.54
N SER A 40 -0.30 -9.73 -13.64
CA SER A 40 0.20 -9.39 -14.97
C SER A 40 -0.21 -7.96 -15.32
N MET A 41 -1.04 -7.37 -14.48
CA MET A 41 -1.55 -6.01 -14.69
C MET A 41 -2.43 -5.94 -15.92
N GLY A 42 -3.45 -6.78 -15.95
CA GLY A 42 -4.39 -6.77 -17.07
C GLY A 42 -5.25 -5.52 -17.02
N CYS A 43 -5.53 -4.96 -18.20
CA CYS A 43 -6.35 -3.76 -18.26
C CYS A 43 -7.73 -4.05 -17.68
N VAL A 44 -7.92 -3.65 -16.40
CA VAL A 44 -9.20 -3.85 -15.71
C VAL A 44 -9.85 -2.50 -15.48
N SER A 45 -11.04 -2.33 -16.04
CA SER A 45 -11.75 -1.07 -15.92
C SER A 45 -12.19 -0.85 -14.47
N GLY A 46 -11.56 0.13 -13.81
CA GLY A 46 -11.89 0.42 -12.43
C GLY A 46 -11.06 1.59 -11.89
N CYS A 47 -11.37 2.00 -10.66
CA CYS A 47 -10.65 3.11 -10.03
C CYS A 47 -9.41 2.62 -9.30
N LEU A 48 -8.31 3.36 -9.46
CA LEU A 48 -7.05 3.01 -8.78
C LEU A 48 -6.38 4.29 -8.27
N CYS A 49 -5.65 4.16 -7.15
CA CYS A 49 -4.97 5.28 -6.53
C CYS A 49 -3.56 5.46 -7.13
N PRO A 50 -3.30 6.51 -7.90
CA PRO A 50 -1.95 6.73 -8.51
C PRO A 50 -0.82 6.62 -7.47
N PRO A 51 0.41 6.89 -7.87
CA PRO A 51 1.58 6.81 -6.93
C PRO A 51 1.45 7.81 -5.78
N GLY A 52 1.91 7.42 -4.60
CA GLY A 52 1.82 8.27 -3.41
C GLY A 52 0.66 7.83 -2.53
N MET A 53 -0.52 7.71 -3.14
CA MET A 53 -1.71 7.27 -2.41
C MET A 53 -1.91 5.76 -2.61
N VAL A 54 -2.44 5.08 -1.59
CA VAL A 54 -2.61 3.62 -1.66
C VAL A 54 -4.00 3.21 -1.17
N ARG A 55 -4.49 2.07 -1.67
CA ARG A 55 -5.81 1.56 -1.29
C ARG A 55 -5.80 1.07 0.16
N HIS A 56 -6.37 1.87 1.06
CA HIS A 56 -6.46 1.49 2.47
C HIS A 56 -7.90 1.08 2.82
N GLU A 57 -8.15 -0.22 2.83
CA GLU A 57 -9.45 -0.78 3.19
C GLU A 57 -10.63 0.02 2.61
N ASN A 58 -10.82 -0.10 1.30
CA ASN A 58 -11.94 0.57 0.62
C ASN A 58 -11.78 2.10 0.62
N ARG A 59 -10.75 2.59 1.31
CA ARG A 59 -10.45 4.02 1.41
C ARG A 59 -8.98 4.23 1.03
N CYS A 60 -8.62 5.41 0.53
CA CYS A 60 -7.23 5.68 0.15
C CYS A 60 -6.60 6.76 1.05
N VAL A 61 -5.28 6.63 1.26
CA VAL A 61 -4.53 7.59 2.09
C VAL A 61 -3.09 7.71 1.57
N ALA A 62 -2.44 8.82 1.90
CA ALA A 62 -1.07 9.05 1.46
C ALA A 62 -0.10 8.08 2.13
N LEU A 63 0.99 7.78 1.42
CA LEU A 63 1.98 6.81 1.89
C LEU A 63 2.61 7.23 3.21
N GLU A 64 2.92 8.52 3.36
CA GLU A 64 3.57 8.99 4.59
C GLU A 64 2.75 8.62 5.84
N ARG A 65 1.60 7.98 5.65
CA ARG A 65 0.74 7.60 6.79
C ARG A 65 0.37 6.12 6.72
N CYS A 66 0.93 5.42 5.74
CA CYS A 66 0.68 3.98 5.60
C CYS A 66 1.14 3.25 6.87
N PRO A 67 0.31 2.43 7.48
CA PRO A 67 0.70 1.70 8.73
C PRO A 67 1.72 0.59 8.47
N CYS A 68 2.58 0.36 9.46
CA CYS A 68 3.59 -0.69 9.35
C CYS A 68 2.95 -2.05 9.54
N PHE A 69 3.75 -3.11 9.52
CA PHE A 69 3.25 -4.46 9.67
C PHE A 69 4.35 -5.40 10.16
N HIS A 70 4.09 -6.08 11.26
CA HIS A 70 5.07 -7.02 11.82
C HIS A 70 4.32 -8.19 12.48
N GLN A 71 4.64 -9.41 12.06
CA GLN A 71 4.02 -10.63 12.61
C GLN A 71 2.58 -10.78 12.12
N GLY A 72 2.28 -10.21 10.95
CA GLY A 72 0.96 -10.34 10.35
C GLY A 72 -0.07 -9.41 10.98
N LYS A 73 0.36 -8.62 11.98
CA LYS A 73 -0.56 -7.68 12.64
C LYS A 73 -0.13 -6.25 12.34
N GLU A 74 -1.08 -5.42 11.88
CA GLU A 74 -0.78 -4.02 11.57
C GLU A 74 -1.10 -3.14 12.77
N TYR A 75 -0.58 -1.91 12.76
CA TYR A 75 -0.80 -1.01 13.89
C TYR A 75 -1.12 0.39 13.35
N ALA A 76 -2.04 1.08 14.01
CA ALA A 76 -2.42 2.41 13.55
C ALA A 76 -1.16 3.24 13.25
N PRO A 77 -1.19 4.13 12.28
CA PRO A 77 0.00 4.96 11.94
C PRO A 77 0.58 5.68 13.16
N GLY A 78 1.80 5.30 13.53
CA GLY A 78 2.50 5.90 14.67
C GLY A 78 2.25 5.13 15.98
N GLU A 79 1.57 4.00 15.89
CA GLU A 79 1.32 3.20 17.08
C GLU A 79 2.58 2.40 17.45
N THR A 80 2.76 2.15 18.74
CA THR A 80 3.95 1.45 19.24
C THR A 80 3.64 0.02 19.62
N VAL A 81 4.43 -0.91 19.09
CA VAL A 81 4.27 -2.34 19.40
C VAL A 81 5.41 -2.80 20.29
N LYS A 82 5.07 -3.56 21.33
CA LYS A 82 6.07 -4.03 22.30
C LYS A 82 5.91 -5.53 22.53
N ILE A 83 7.03 -6.24 22.61
CA ILE A 83 7.02 -7.68 22.83
C ILE A 83 8.13 -8.09 23.81
N GLY A 84 7.81 -9.01 24.72
CA GLY A 84 8.80 -9.51 25.68
C GLY A 84 9.18 -8.45 26.71
N CYS A 85 10.39 -7.90 26.57
CA CYS A 85 10.91 -6.91 27.53
C CYS A 85 11.34 -5.63 26.81
N ASN A 86 11.50 -5.71 25.49
CA ASN A 86 11.90 -4.56 24.69
C ASN A 86 10.67 -3.86 24.11
N THR A 87 10.89 -2.63 23.62
CA THR A 87 9.82 -1.85 23.00
C THR A 87 10.25 -1.40 21.61
N CYS A 88 9.34 -1.58 20.64
CA CYS A 88 9.62 -1.24 19.25
C CYS A 88 8.53 -0.30 18.71
N VAL A 89 8.96 0.74 17.99
CA VAL A 89 8.03 1.74 17.43
C VAL A 89 8.37 2.04 15.97
N CYS A 90 7.34 2.36 15.20
CA CYS A 90 7.50 2.65 13.77
C CYS A 90 8.31 3.91 13.57
N ARG A 91 9.39 3.79 12.81
CA ARG A 91 10.25 4.92 12.52
C ARG A 91 11.08 4.58 11.29
N ASP A 92 10.78 5.24 10.17
CA ASP A 92 11.49 4.95 8.93
C ASP A 92 11.32 3.48 8.54
N ARG A 93 10.12 2.93 8.80
CA ARG A 93 9.83 1.54 8.46
C ARG A 93 10.78 0.58 9.16
N LYS A 94 11.81 1.13 9.81
CA LYS A 94 12.77 0.29 10.56
C LYS A 94 12.56 0.51 12.06
N TRP A 95 12.62 -0.58 12.81
CA TRP A 95 12.43 -0.55 14.25
C TRP A 95 13.79 -0.63 14.93
N ASN A 96 13.91 -0.01 16.11
CA ASN A 96 15.16 -0.05 16.86
C ASN A 96 14.98 -0.92 18.10
N CYS A 97 15.39 -2.18 17.99
CA CYS A 97 15.27 -3.13 19.09
C CYS A 97 16.39 -4.16 19.00
N THR A 98 17.04 -4.44 20.13
CA THR A 98 18.07 -5.49 20.15
C THR A 98 17.86 -6.45 21.31
N ASP A 99 18.07 -5.98 22.52
CA ASP A 99 17.92 -6.79 23.72
C ASP A 99 18.12 -5.88 24.93
N HIS A 100 17.02 -5.32 25.43
CA HIS A 100 17.10 -4.43 26.58
C HIS A 100 17.27 -5.23 27.85
N VAL A 101 18.32 -4.91 28.59
CA VAL A 101 18.61 -5.62 29.83
C VAL A 101 17.76 -5.07 30.97
N CYS A 102 16.55 -5.61 31.10
CA CYS A 102 15.64 -5.17 32.15
C CYS A 102 16.14 -5.61 33.52
N ASP A 103 17.24 -6.37 33.52
CA ASP A 103 17.80 -6.87 34.77
C ASP A 103 18.47 -5.73 35.55
#